data_3ICX
#
_entry.id   3ICX
#
_cell.length_a   153.645
_cell.length_b   122.126
_cell.length_c   71.786
_cell.angle_alpha   90.000
_cell.angle_beta   107.670
_cell.angle_gamma   90.000
#
_symmetry.space_group_name_H-M   'C 1 2 1'
#
loop_
_entity.id
_entity.type
_entity.pdbx_description
1 polymer 'Pre mRNA splicing protein'
2 non-polymer 'SULFATE ION'
#
_entity_poly.entity_id   1
_entity_poly.type   'polypeptide(L)'
_entity_poly.pdbx_seq_one_letter_code
;MKRDLLAIQAVRAMDDIDKTINLFSERLREWYSIHFPELDKLIEDHEEYATIVSRFGDRGFLTIDSLKELGFNEQRINRI
LDAAKKSIGADISEDDLSAMRMIANTILDLYNIRRNLNNYLEGVMKEVAPNVTALVGPALGARLLSIAGSLDELAKMPAS
TIQVLGAEKALFRALRSGGRPPKHGIIFQYPAIHTSPRWQRGKIARALAAKLAIAARVDAFSGRFIGDQLNEQLKKRIDE
IKEKFAQHHHHHHHH
;
_entity_poly.pdbx_strand_id   A,B,C
#
loop_
_chem_comp.id
_chem_comp.type
_chem_comp.name
_chem_comp.formula
SO4 non-polymer 'SULFATE ION' 'O4 S -2'
#
# COMPACT_ATOMS: atom_id res chain seq x y z
N LYS A 2 15.02 13.40 -6.58
CA LYS A 2 15.84 12.68 -5.56
C LYS A 2 15.37 11.24 -5.39
N ARG A 3 15.20 10.55 -6.51
CA ARG A 3 14.52 9.24 -6.52
C ARG A 3 15.34 8.07 -5.95
N ASP A 4 16.66 8.21 -5.89
CA ASP A 4 17.51 7.17 -5.31
C ASP A 4 17.41 7.16 -3.78
N LEU A 5 17.29 8.34 -3.21
CA LEU A 5 17.17 8.46 -1.78
C LEU A 5 15.96 7.68 -1.30
N LEU A 6 14.83 7.87 -1.98
CA LEU A 6 13.55 7.20 -1.63
C LEU A 6 13.61 5.66 -1.66
N ALA A 7 14.42 5.12 -2.58
CA ALA A 7 14.64 3.66 -2.66
C ALA A 7 15.36 3.13 -1.42
N ILE A 8 16.38 3.88 -0.98
CA ILE A 8 17.13 3.63 0.23
C ILE A 8 16.18 3.60 1.44
N GLN A 9 15.34 4.63 1.54
CA GLN A 9 14.41 4.74 2.63
C GLN A 9 13.52 3.51 2.67
N ALA A 10 13.04 3.08 1.51
CA ALA A 10 12.32 1.82 1.38
C ALA A 10 13.11 0.62 1.96
N VAL A 11 14.32 0.36 1.46
CA VAL A 11 15.13 -0.76 1.99
C VAL A 11 15.33 -0.65 3.51
N ARG A 12 15.53 0.58 3.97
CA ARG A 12 15.75 0.80 5.40
C ARG A 12 14.47 0.52 6.17
N ALA A 13 13.34 0.83 5.55
CA ALA A 13 12.06 0.54 6.16
C ALA A 13 11.82 -0.99 6.28
N MET A 14 12.27 -1.73 5.27
CA MET A 14 12.16 -3.20 5.25
C MET A 14 12.90 -3.84 6.42
N ASP A 15 14.11 -3.35 6.69
CA ASP A 15 14.93 -3.83 7.82
C ASP A 15 14.22 -3.56 9.12
N ASP A 16 13.65 -2.36 9.23
CA ASP A 16 12.90 -1.95 10.41
C ASP A 16 11.68 -2.86 10.63
N ILE A 17 11.00 -3.22 9.54
CA ILE A 17 9.93 -4.19 9.60
C ILE A 17 10.43 -5.55 10.17
N ASP A 18 11.58 -6.03 9.69
CA ASP A 18 12.14 -7.29 10.17
C ASP A 18 12.48 -7.30 11.67
N LYS A 19 13.20 -6.28 12.11
CA LYS A 19 13.52 -6.06 13.53
C LYS A 19 12.23 -6.16 14.31
N THR A 20 11.20 -5.50 13.79
CA THR A 20 9.89 -5.44 14.43
C THR A 20 9.20 -6.80 14.41
N ILE A 21 9.10 -7.43 13.23
CA ILE A 21 8.48 -8.77 13.14
C ILE A 21 9.06 -9.68 14.21
N ASN A 22 10.38 -9.72 14.31
CA ASN A 22 11.06 -10.47 15.34
C ASN A 22 10.63 -10.07 16.76
N LEU A 23 10.66 -8.77 17.05
CA LEU A 23 10.29 -8.28 18.37
C LEU A 23 8.87 -8.72 18.76
N PHE A 24 7.94 -8.59 17.82
CA PHE A 24 6.55 -8.94 18.08
C PHE A 24 6.36 -10.44 18.16
N SER A 25 7.12 -11.20 17.36
CA SER A 25 6.98 -12.64 17.44
C SER A 25 7.60 -13.24 18.72
N GLU A 26 8.70 -12.69 19.22
CA GLU A 26 9.22 -13.07 20.53
C GLU A 26 8.08 -12.95 21.56
N ARG A 27 7.54 -11.74 21.63
CA ARG A 27 6.39 -11.38 22.45
C ARG A 27 5.22 -12.33 22.28
N LEU A 28 4.76 -12.53 21.03
CA LEU A 28 3.63 -13.43 20.76
C LEU A 28 3.93 -14.85 21.21
N ARG A 29 5.14 -15.33 20.91
CA ARG A 29 5.55 -16.68 21.31
C ARG A 29 5.52 -16.82 22.81
N GLU A 30 6.10 -15.85 23.51
CA GLU A 30 6.08 -15.85 24.97
C GLU A 30 4.64 -15.79 25.47
N TRP A 31 3.84 -14.89 24.88
CA TRP A 31 2.49 -14.62 25.34
C TRP A 31 1.57 -15.82 25.11
N TYR A 32 1.32 -16.16 23.85
CA TYR A 32 0.48 -17.30 23.49
C TYR A 32 0.99 -18.59 24.12
N SER A 33 2.29 -18.64 24.43
CA SER A 33 2.93 -19.82 25.03
C SER A 33 2.36 -20.24 26.37
N ILE A 34 1.82 -19.28 27.13
CA ILE A 34 1.12 -19.58 28.39
C ILE A 34 -0.05 -20.52 28.13
N HIS A 35 -0.61 -20.43 26.91
CA HIS A 35 -1.72 -21.28 26.49
C HIS A 35 -1.28 -22.56 25.78
N PHE A 36 -0.42 -22.40 24.78
CA PHE A 36 0.08 -23.53 24.01
C PHE A 36 1.61 -23.46 23.99
N PRO A 37 2.25 -23.99 25.06
CA PRO A 37 3.71 -23.94 25.20
C PRO A 37 4.44 -24.74 24.12
N GLU A 38 3.83 -25.82 23.64
CA GLU A 38 4.49 -26.73 22.71
C GLU A 38 4.58 -26.20 21.27
N LEU A 39 3.58 -25.43 20.84
CA LEU A 39 3.56 -24.87 19.49
C LEU A 39 4.87 -24.13 19.14
N ASP A 40 5.39 -23.38 20.11
CA ASP A 40 6.63 -22.61 20.00
C ASP A 40 7.78 -23.33 19.27
N LYS A 41 8.20 -24.50 19.78
CA LYS A 41 9.31 -25.26 19.16
C LYS A 41 8.92 -26.12 17.94
N LEU A 42 7.62 -26.23 17.71
CA LEU A 42 7.09 -26.96 16.56
C LEU A 42 7.13 -26.13 15.26
N ILE A 43 7.15 -24.80 15.42
CA ILE A 43 7.13 -23.89 14.30
C ILE A 43 8.23 -22.84 14.39
N GLU A 44 9.22 -22.94 13.51
CA GLU A 44 10.32 -21.96 13.52
C GLU A 44 9.93 -20.64 12.84
N ASP A 45 9.14 -20.71 11.77
CA ASP A 45 8.74 -19.53 10.99
C ASP A 45 7.72 -18.65 11.71
N HIS A 46 8.02 -17.36 11.82
CA HIS A 46 7.14 -16.44 12.56
C HIS A 46 5.79 -16.21 11.89
N GLU A 47 5.78 -16.12 10.55
CA GLU A 47 4.54 -15.93 9.79
C GLU A 47 3.51 -17.02 10.04
N GLU A 48 3.98 -18.27 10.14
CA GLU A 48 3.10 -19.41 10.41
C GLU A 48 2.54 -19.35 11.81
N TYR A 49 3.41 -19.17 12.80
CA TYR A 49 2.98 -19.09 14.21
C TYR A 49 1.84 -18.09 14.34
N ALA A 50 2.05 -16.90 13.78
CA ALA A 50 1.07 -15.81 13.82
C ALA A 50 -0.23 -16.23 13.17
N THR A 51 -0.12 -16.94 12.04
CA THR A 51 -1.29 -17.44 11.30
C THR A 51 -2.20 -18.37 12.11
N ILE A 52 -1.56 -19.21 12.94
CA ILE A 52 -2.29 -20.13 13.82
C ILE A 52 -2.99 -19.33 14.91
N VAL A 53 -2.20 -18.64 15.73
CA VAL A 53 -2.76 -17.79 16.77
C VAL A 53 -3.86 -16.90 16.17
N SER A 54 -3.68 -16.55 14.90
CA SER A 54 -4.52 -15.58 14.23
C SER A 54 -5.85 -16.16 13.78
N ARG A 55 -5.82 -17.10 12.84
CA ARG A 55 -7.05 -17.67 12.23
C ARG A 55 -7.75 -18.73 13.08
N PHE A 56 -7.00 -19.42 13.94
CA PHE A 56 -7.52 -20.54 14.73
C PHE A 56 -7.76 -20.19 16.20
N GLY A 57 -6.71 -19.71 16.86
CA GLY A 57 -6.79 -19.21 18.23
C GLY A 57 -6.49 -20.23 19.32
N ASP A 58 -7.56 -20.80 19.87
CA ASP A 58 -7.52 -21.79 20.96
C ASP A 58 -7.05 -23.15 20.44
N ARG A 59 -6.02 -23.72 21.07
CA ARG A 59 -5.49 -25.08 20.75
C ARG A 59 -6.56 -26.08 20.31
N GLY A 60 -7.69 -26.06 21.00
CA GLY A 60 -8.77 -27.01 20.78
C GLY A 60 -9.61 -26.81 19.52
N PHE A 61 -9.37 -25.71 18.78
CA PHE A 61 -10.13 -25.44 17.55
C PHE A 61 -9.33 -25.83 16.30
N LEU A 62 -8.12 -26.36 16.51
CA LEU A 62 -7.25 -26.86 15.42
C LEU A 62 -7.81 -28.15 14.81
N THR A 63 -7.62 -28.35 13.50
CA THR A 63 -8.07 -29.58 12.85
C THR A 63 -7.22 -29.96 11.63
N ILE A 64 -7.28 -31.24 11.27
CA ILE A 64 -6.65 -31.79 10.06
C ILE A 64 -6.96 -30.91 8.85
N ASP A 65 -8.25 -30.74 8.55
CA ASP A 65 -8.66 -29.96 7.40
C ASP A 65 -8.16 -28.53 7.53
N SER A 66 -8.46 -27.89 8.65
CA SER A 66 -8.06 -26.51 8.85
C SER A 66 -6.52 -26.31 8.74
N LEU A 67 -5.75 -27.34 9.12
CA LEU A 67 -4.28 -27.32 8.98
C LEU A 67 -3.75 -27.62 7.57
N LYS A 68 -4.44 -28.51 6.83
CA LYS A 68 -4.14 -28.76 5.40
C LYS A 68 -4.37 -27.49 4.58
N GLU A 69 -5.20 -26.61 5.15
CA GLU A 69 -5.54 -25.31 4.59
C GLU A 69 -4.36 -24.32 4.77
N LEU A 70 -3.21 -24.84 5.20
CA LEU A 70 -2.06 -23.99 5.40
C LEU A 70 -0.80 -24.65 4.85
N GLY A 71 -0.98 -25.80 4.19
CA GLY A 71 0.11 -26.49 3.53
C GLY A 71 1.01 -27.34 4.42
N PHE A 72 0.60 -27.52 5.67
CA PHE A 72 1.33 -28.43 6.57
C PHE A 72 1.09 -29.88 6.16
N ASN A 73 2.19 -30.63 6.03
CA ASN A 73 2.17 -32.05 5.70
C ASN A 73 1.64 -32.88 6.86
N GLU A 74 1.05 -34.04 6.54
CA GLU A 74 0.39 -34.89 7.53
C GLU A 74 1.29 -35.34 8.68
N GLN A 75 2.57 -35.56 8.38
CA GLN A 75 3.60 -35.87 9.39
C GLN A 75 3.66 -34.78 10.47
N ARG A 76 3.50 -33.53 10.03
CA ARG A 76 3.49 -32.37 10.91
C ARG A 76 2.15 -32.09 11.55
N ILE A 77 1.06 -32.26 10.78
CA ILE A 77 -0.28 -32.00 11.30
C ILE A 77 -0.56 -32.84 12.54
N ASN A 78 -0.06 -34.07 12.55
CA ASN A 78 -0.22 -34.94 13.71
C ASN A 78 0.49 -34.46 14.96
N ARG A 79 1.75 -34.04 14.82
CA ARG A 79 2.51 -33.53 15.96
C ARG A 79 1.74 -32.43 16.66
N ILE A 80 1.36 -31.40 15.89
CA ILE A 80 0.63 -30.23 16.38
C ILE A 80 -0.68 -30.61 17.08
N LEU A 81 -1.52 -31.38 16.38
CA LEU A 81 -2.87 -31.67 16.88
C LEU A 81 -2.90 -32.59 18.10
N ASP A 82 -1.84 -33.38 18.26
CA ASP A 82 -1.72 -34.23 19.43
C ASP A 82 -1.16 -33.43 20.61
N ALA A 83 -0.12 -32.64 20.36
CA ALA A 83 0.34 -31.68 21.35
C ALA A 83 -0.76 -30.64 21.68
N ALA A 84 -1.84 -30.62 20.88
CA ALA A 84 -3.02 -29.83 21.20
C ALA A 84 -3.82 -30.54 22.29
N LYS A 85 -4.05 -31.84 22.11
CA LYS A 85 -4.78 -32.62 23.12
C LYS A 85 -4.01 -32.75 24.44
N LYS A 86 -2.81 -33.32 24.37
CA LYS A 86 -1.99 -33.59 25.57
C LYS A 86 -1.44 -32.32 26.26
N SER A 87 -1.90 -31.15 25.82
CA SER A 87 -1.24 -29.86 26.12
C SER A 87 -1.06 -29.51 27.59
N ILE A 88 0.19 -29.16 27.94
CA ILE A 88 0.55 -28.80 29.30
C ILE A 88 0.06 -27.39 29.64
N GLY A 89 -0.29 -26.61 28.62
CA GLY A 89 -0.67 -25.21 28.80
C GLY A 89 -1.95 -24.87 29.54
N ALA A 90 -2.17 -23.57 29.78
CA ALA A 90 -3.29 -23.08 30.56
C ALA A 90 -4.54 -22.86 29.72
N ASP A 91 -5.63 -22.45 30.38
CA ASP A 91 -6.87 -22.08 29.69
C ASP A 91 -7.05 -20.57 29.59
N ILE A 92 -7.74 -20.14 28.52
CA ILE A 92 -7.82 -18.72 28.17
C ILE A 92 -9.23 -18.28 27.77
N SER A 93 -9.59 -17.09 28.23
CA SER A 93 -10.85 -16.44 27.81
C SER A 93 -10.70 -15.85 26.41
N GLU A 94 -11.83 -15.69 25.73
CA GLU A 94 -11.81 -15.14 24.37
C GLU A 94 -11.30 -13.70 24.34
N ASP A 95 -11.35 -13.04 25.48
CA ASP A 95 -10.75 -11.73 25.64
C ASP A 95 -9.24 -11.84 25.60
N ASP A 96 -8.70 -12.90 26.22
CA ASP A 96 -7.25 -13.12 26.24
C ASP A 96 -6.73 -13.49 24.83
N LEU A 97 -7.51 -14.31 24.13
CA LEU A 97 -7.20 -14.69 22.75
C LEU A 97 -7.15 -13.47 21.83
N SER A 98 -8.22 -12.68 21.84
CA SER A 98 -8.31 -11.55 20.93
C SER A 98 -7.28 -10.47 21.24
N ALA A 99 -6.83 -10.41 22.49
CA ALA A 99 -5.76 -9.49 22.86
C ALA A 99 -4.40 -9.98 22.34
N MET A 100 -4.16 -11.30 22.43
CA MET A 100 -2.98 -11.91 21.82
C MET A 100 -3.01 -11.64 20.30
N ARG A 101 -4.18 -11.84 19.71
CA ARG A 101 -4.37 -11.71 18.26
C ARG A 101 -4.05 -10.31 17.70
N MET A 102 -4.23 -9.27 18.52
CA MET A 102 -3.90 -7.94 18.05
C MET A 102 -2.43 -7.94 17.65
N ILE A 103 -1.60 -8.55 18.49
CA ILE A 103 -0.20 -8.70 18.15
C ILE A 103 0.00 -9.63 16.96
N ALA A 104 -0.65 -10.78 16.97
CA ALA A 104 -0.53 -11.73 15.87
C ALA A 104 -0.84 -11.10 14.51
N ASN A 105 -1.98 -10.42 14.42
CA ASN A 105 -2.43 -9.83 13.16
C ASN A 105 -1.53 -8.71 12.70
N THR A 106 -0.97 -7.98 13.66
CA THR A 106 0.02 -6.96 13.34
C THR A 106 1.21 -7.62 12.63
N ILE A 107 1.67 -8.77 13.14
CA ILE A 107 2.77 -9.50 12.51
C ILE A 107 2.40 -9.90 11.08
N LEU A 108 1.18 -10.40 10.90
CA LEU A 108 0.68 -10.73 9.55
C LEU A 108 0.66 -9.49 8.66
N ASP A 109 0.20 -8.36 9.23
CA ASP A 109 0.13 -7.13 8.47
C ASP A 109 1.51 -6.67 8.03
N LEU A 110 2.49 -6.79 8.93
CA LEU A 110 3.89 -6.46 8.63
C LEU A 110 4.49 -7.27 7.47
N TYR A 111 4.11 -8.55 7.39
CA TYR A 111 4.59 -9.41 6.32
C TYR A 111 4.12 -8.94 4.95
N ASN A 112 2.87 -8.47 4.89
CA ASN A 112 2.32 -7.90 3.67
C ASN A 112 3.02 -6.62 3.21
N ILE A 113 3.29 -5.76 4.19
CA ILE A 113 3.89 -4.47 3.94
C ILE A 113 5.29 -4.66 3.39
N ARG A 114 5.99 -5.66 3.90
CA ARG A 114 7.32 -6.02 3.39
C ARG A 114 7.25 -6.47 1.92
N ARG A 115 6.28 -7.31 1.61
CA ARG A 115 6.08 -7.71 0.23
C ARG A 115 5.79 -6.49 -0.65
N ASN A 116 4.91 -5.63 -0.17
CA ASN A 116 4.51 -4.44 -0.91
C ASN A 116 5.65 -3.47 -1.10
N LEU A 117 6.38 -3.23 -0.02
CA LEU A 117 7.55 -2.39 -0.07
C LEU A 117 8.58 -2.96 -1.01
N ASN A 118 8.70 -4.28 -1.03
CA ASN A 118 9.59 -4.94 -1.96
C ASN A 118 9.21 -4.71 -3.44
N ASN A 119 7.92 -4.72 -3.74
CA ASN A 119 7.44 -4.38 -5.07
C ASN A 119 7.70 -2.94 -5.41
N TYR A 120 7.48 -2.05 -4.45
CA TYR A 120 7.85 -0.65 -4.60
C TYR A 120 9.34 -0.50 -4.92
N LEU A 121 10.17 -1.25 -4.18
CA LEU A 121 11.61 -1.16 -4.30
C LEU A 121 12.09 -1.53 -5.69
N GLU A 122 11.47 -2.53 -6.29
CA GLU A 122 11.84 -3.03 -7.61
C GLU A 122 11.42 -2.08 -8.74
N GLY A 123 10.19 -1.57 -8.71
CA GLY A 123 9.76 -0.55 -9.66
C GLY A 123 10.70 0.64 -9.68
N VAL A 124 11.01 1.14 -8.49
CA VAL A 124 11.90 2.29 -8.37
C VAL A 124 13.32 2.01 -8.85
N MET A 125 13.98 1.01 -8.27
CA MET A 125 15.36 0.71 -8.63
C MET A 125 15.52 0.46 -10.13
N LYS A 126 14.52 -0.20 -10.75
CA LYS A 126 14.55 -0.45 -12.20
C LYS A 126 14.47 0.82 -13.04
N GLU A 127 14.10 1.94 -12.41
CA GLU A 127 14.10 3.22 -13.09
C GLU A 127 15.30 4.10 -12.74
N VAL A 128 15.68 4.13 -11.47
CA VAL A 128 16.74 5.02 -11.00
C VAL A 128 18.16 4.43 -11.16
N ALA A 129 18.27 3.09 -11.10
CA ALA A 129 19.55 2.42 -11.32
C ALA A 129 19.36 1.05 -11.93
N PRO A 130 18.87 0.98 -13.19
CA PRO A 130 18.46 -0.28 -13.79
C PRO A 130 19.63 -1.21 -14.04
N ASN A 131 20.79 -0.62 -14.35
CA ASN A 131 22.02 -1.36 -14.61
C ASN A 131 22.58 -2.03 -13.36
N VAL A 132 22.46 -1.34 -12.22
CA VAL A 132 22.80 -1.96 -10.95
C VAL A 132 21.83 -3.11 -10.61
N THR A 133 20.55 -2.89 -10.86
CA THR A 133 19.52 -3.88 -10.58
C THR A 133 19.68 -5.06 -11.50
N ALA A 134 20.10 -4.78 -12.73
CA ALA A 134 20.37 -5.83 -13.68
C ALA A 134 21.41 -6.75 -13.10
N LEU A 135 22.34 -6.19 -12.32
CA LEU A 135 23.47 -6.96 -11.82
C LEU A 135 23.13 -7.76 -10.58
N VAL A 136 22.69 -7.06 -9.55
CA VAL A 136 22.63 -7.65 -8.22
C VAL A 136 21.20 -7.79 -7.75
N GLY A 137 20.28 -7.12 -8.45
CA GLY A 137 18.85 -7.13 -8.11
C GLY A 137 18.42 -5.89 -7.35
N PRO A 138 17.10 -5.72 -7.14
CA PRO A 138 16.60 -4.49 -6.52
C PRO A 138 17.15 -4.30 -5.11
N ALA A 139 16.92 -5.30 -4.25
CA ALA A 139 17.23 -5.24 -2.81
C ALA A 139 18.69 -4.90 -2.53
N LEU A 140 19.59 -5.82 -2.91
CA LEU A 140 21.03 -5.61 -2.80
C LEU A 140 21.47 -4.26 -3.37
N GLY A 141 20.88 -3.87 -4.50
CA GLY A 141 21.20 -2.61 -5.18
C GLY A 141 20.87 -1.35 -4.38
N ALA A 142 19.69 -1.35 -3.75
CA ALA A 142 19.31 -0.26 -2.87
C ALA A 142 20.19 -0.28 -1.64
N ARG A 143 20.57 -1.48 -1.21
CA ARG A 143 21.37 -1.68 0.00
C ARG A 143 22.77 -1.04 -0.13
N LEU A 144 23.38 -1.21 -1.31
CA LEU A 144 24.64 -0.56 -1.64
C LEU A 144 24.50 0.94 -1.62
N LEU A 145 23.44 1.43 -2.26
CA LEU A 145 23.11 2.85 -2.25
C LEU A 145 22.99 3.35 -0.83
N SER A 146 22.28 2.58 -0.01
CA SER A 146 22.07 2.97 1.37
C SER A 146 23.39 3.19 2.10
N ILE A 147 24.32 2.25 1.91
CA ILE A 147 25.65 2.35 2.50
C ILE A 147 26.41 3.51 1.84
N ALA A 148 26.30 3.62 0.52
CA ALA A 148 27.06 4.64 -0.21
C ALA A 148 26.57 6.03 0.10
N GLY A 149 25.28 6.17 0.44
CA GLY A 149 24.68 7.46 0.75
C GLY A 149 23.74 7.97 -0.34
N SER A 150 24.19 7.84 -1.59
CA SER A 150 23.44 8.32 -2.76
C SER A 150 23.99 7.66 -4.02
N LEU A 151 23.21 7.65 -5.11
CA LEU A 151 23.69 7.10 -6.40
C LEU A 151 24.95 7.81 -6.90
N ASP A 152 24.98 9.14 -6.82
CA ASP A 152 26.17 9.93 -7.13
C ASP A 152 27.38 9.49 -6.32
N GLU A 153 27.17 9.26 -5.02
CA GLU A 153 28.27 8.85 -4.16
C GLU A 153 28.76 7.44 -4.46
N LEU A 154 27.84 6.56 -4.86
CA LEU A 154 28.20 5.20 -5.25
C LEU A 154 29.00 5.23 -6.54
N ALA A 155 28.52 6.01 -7.51
CA ALA A 155 29.19 6.16 -8.81
C ALA A 155 30.56 6.84 -8.74
N LYS A 156 30.89 7.37 -7.57
CA LYS A 156 32.21 7.97 -7.35
C LYS A 156 33.19 6.98 -6.74
N MET A 157 32.69 5.84 -6.25
CA MET A 157 33.56 4.84 -5.63
C MET A 157 34.28 4.01 -6.69
N PRO A 158 35.58 3.72 -6.46
CA PRO A 158 36.24 2.72 -7.29
C PRO A 158 35.77 1.30 -6.95
N ALA A 159 36.08 0.35 -7.83
CA ALA A 159 35.70 -1.04 -7.61
C ALA A 159 36.16 -1.54 -6.24
N SER A 160 37.40 -1.24 -5.89
CA SER A 160 37.99 -1.66 -4.62
C SER A 160 37.24 -1.17 -3.38
N THR A 161 36.47 -0.10 -3.50
CA THR A 161 35.66 0.40 -2.37
C THR A 161 34.30 -0.29 -2.33
N ILE A 162 33.69 -0.49 -3.49
CA ILE A 162 32.41 -1.20 -3.62
C ILE A 162 32.52 -2.63 -3.05
N GLN A 163 33.63 -3.27 -3.38
CA GLN A 163 33.92 -4.65 -3.00
C GLN A 163 33.87 -4.87 -1.49
N VAL A 164 34.04 -3.81 -0.72
CA VAL A 164 34.11 -3.90 0.75
C VAL A 164 32.83 -3.46 1.51
N LEU A 165 31.96 -2.69 0.85
CA LEU A 165 30.78 -2.12 1.50
C LEU A 165 29.92 -3.16 2.21
N GLY A 185 32.60 -8.14 2.84
CA GLY A 185 31.84 -7.19 2.02
C GLY A 185 30.42 -7.62 1.64
N ILE A 186 29.53 -6.65 1.45
CA ILE A 186 28.10 -6.94 1.26
C ILE A 186 27.71 -7.53 -0.10
N ILE A 187 28.50 -7.25 -1.13
CA ILE A 187 28.29 -7.81 -2.45
C ILE A 187 28.63 -9.31 -2.48
N PHE A 188 29.24 -9.81 -1.40
CA PHE A 188 29.58 -11.22 -1.30
C PHE A 188 28.33 -12.10 -1.14
N GLN A 189 27.16 -11.46 -1.10
CA GLN A 189 25.87 -12.16 -0.99
C GLN A 189 25.32 -12.60 -2.34
N TYR A 190 25.84 -11.99 -3.40
CA TYR A 190 25.49 -12.34 -4.78
C TYR A 190 25.69 -13.83 -5.00
N PRO A 191 24.68 -14.51 -5.56
CA PRO A 191 24.69 -15.97 -5.63
C PRO A 191 26.01 -16.52 -6.14
N ALA A 192 26.41 -16.11 -7.33
CA ALA A 192 27.64 -16.63 -7.94
C ALA A 192 28.81 -16.58 -6.96
N ILE A 193 28.77 -15.65 -6.01
CA ILE A 193 29.78 -15.58 -4.96
C ILE A 193 29.47 -16.57 -3.82
N HIS A 194 28.31 -16.40 -3.18
CA HIS A 194 27.94 -17.19 -1.99
C HIS A 194 27.88 -18.70 -2.23
N THR A 195 27.57 -19.09 -3.47
CA THR A 195 27.57 -20.48 -3.92
C THR A 195 28.98 -21.07 -3.95
N SER A 196 29.94 -20.27 -4.37
CA SER A 196 31.29 -20.74 -4.63
C SER A 196 32.11 -21.06 -3.38
N PRO A 197 33.03 -22.05 -3.49
CA PRO A 197 33.99 -22.40 -2.44
C PRO A 197 34.81 -21.18 -2.01
N ARG A 198 35.06 -21.04 -0.71
CA ARG A 198 35.66 -19.83 -0.13
C ARG A 198 36.82 -19.24 -0.97
N TRP A 199 37.66 -20.10 -1.54
CA TRP A 199 38.85 -19.62 -2.27
C TRP A 199 38.56 -18.80 -3.54
N GLN A 200 37.48 -19.12 -4.24
CA GLN A 200 37.16 -18.44 -5.50
C GLN A 200 36.54 -17.06 -5.32
N ARG A 201 35.98 -16.83 -4.14
CA ARG A 201 35.15 -15.65 -3.88
C ARG A 201 35.88 -14.33 -4.06
N GLY A 202 37.16 -14.31 -3.67
CA GLY A 202 38.01 -13.12 -3.82
C GLY A 202 37.94 -12.60 -5.24
N LYS A 203 38.29 -13.46 -6.20
CA LYS A 203 38.32 -13.08 -7.62
C LYS A 203 36.94 -12.81 -8.24
N ILE A 204 35.91 -13.51 -7.76
CA ILE A 204 34.55 -13.27 -8.26
C ILE A 204 34.01 -11.91 -7.77
N ALA A 205 34.15 -11.65 -6.46
CA ALA A 205 33.78 -10.35 -5.89
C ALA A 205 34.47 -9.19 -6.61
N ARG A 206 35.69 -9.45 -7.09
CA ARG A 206 36.47 -8.47 -7.85
C ARG A 206 35.83 -8.13 -9.19
N ALA A 207 35.31 -9.16 -9.87
CA ALA A 207 34.67 -8.99 -11.17
C ALA A 207 33.35 -8.25 -11.05
N LEU A 208 32.58 -8.59 -10.02
CA LEU A 208 31.29 -7.96 -9.80
C LEU A 208 31.52 -6.50 -9.49
N ALA A 209 32.42 -6.22 -8.56
CA ALA A 209 32.78 -4.87 -8.18
C ALA A 209 33.05 -4.04 -9.42
N ALA A 210 33.86 -4.60 -10.31
CA ALA A 210 34.25 -3.96 -11.56
C ALA A 210 33.06 -3.57 -12.44
N LYS A 211 32.10 -4.49 -12.58
CA LYS A 211 30.92 -4.25 -13.40
C LYS A 211 29.95 -3.31 -12.69
N LEU A 212 29.88 -3.40 -11.38
CA LEU A 212 29.06 -2.48 -10.60
C LEU A 212 29.56 -1.04 -10.73
N ALA A 213 30.88 -0.85 -10.68
CA ALA A 213 31.50 0.47 -10.86
C ALA A 213 31.05 1.17 -12.15
N ILE A 214 31.07 0.43 -13.26
CA ILE A 214 30.57 0.95 -14.53
C ILE A 214 29.04 1.14 -14.48
N ALA A 215 28.34 0.12 -13.96
CA ALA A 215 26.89 0.13 -13.86
C ALA A 215 26.32 1.31 -13.06
N ALA A 216 26.98 1.66 -11.96
CA ALA A 216 26.58 2.79 -11.14
C ALA A 216 26.76 4.09 -11.88
N ARG A 217 27.74 4.11 -12.78
CA ARG A 217 28.15 5.30 -13.52
C ARG A 217 27.26 5.63 -14.71
N VAL A 218 26.93 4.63 -15.53
CA VAL A 218 25.99 4.84 -16.62
C VAL A 218 24.60 5.19 -16.04
N ASP A 219 24.32 4.66 -14.85
CA ASP A 219 23.10 4.96 -14.10
C ASP A 219 23.10 6.39 -13.60
N ALA A 220 24.19 6.79 -12.94
CA ALA A 220 24.34 8.15 -12.43
C ALA A 220 24.14 9.19 -13.53
N PHE A 221 24.89 9.04 -14.62
CA PHE A 221 24.81 9.92 -15.79
C PHE A 221 23.47 9.77 -16.50
N SER A 222 22.76 8.70 -16.17
CA SER A 222 21.47 8.38 -16.77
C SER A 222 21.65 8.08 -18.26
N GLY A 223 22.62 7.22 -18.57
CA GLY A 223 22.93 6.83 -19.94
C GLY A 223 22.09 5.66 -20.44
N ARG A 224 22.54 5.01 -21.51
CA ARG A 224 21.79 3.89 -22.09
C ARG A 224 22.04 2.58 -21.36
N PHE A 225 21.00 1.73 -21.37
CA PHE A 225 20.99 0.47 -20.64
C PHE A 225 21.96 -0.56 -21.21
N ILE A 226 22.95 -0.93 -20.41
CA ILE A 226 23.95 -1.94 -20.77
C ILE A 226 23.87 -3.15 -19.86
N GLY A 227 22.69 -3.43 -19.33
CA GLY A 227 22.50 -4.50 -18.37
C GLY A 227 22.78 -5.88 -18.94
N ASP A 228 22.34 -6.12 -20.16
CA ASP A 228 22.56 -7.40 -20.81
C ASP A 228 24.04 -7.71 -20.98
N GLN A 229 24.76 -6.77 -21.57
CA GLN A 229 26.19 -6.92 -21.86
C GLN A 229 27.02 -7.04 -20.59
N LEU A 230 26.69 -6.21 -19.60
CA LEU A 230 27.33 -6.26 -18.29
C LEU A 230 27.21 -7.65 -17.65
N ASN A 231 26.02 -8.24 -17.75
CA ASN A 231 25.76 -9.59 -17.23
C ASN A 231 26.53 -10.68 -17.98
N GLU A 232 26.59 -10.55 -19.31
CA GLU A 232 27.30 -11.50 -20.16
C GLU A 232 28.79 -11.48 -19.85
N GLN A 233 29.35 -10.28 -19.70
CA GLN A 233 30.76 -10.13 -19.40
C GLN A 233 31.16 -10.64 -18.01
N LEU A 234 30.21 -10.62 -17.08
CA LEU A 234 30.43 -11.15 -15.75
C LEU A 234 30.43 -12.68 -15.79
N LYS A 235 29.45 -13.26 -16.50
CA LYS A 235 29.37 -14.70 -16.68
C LYS A 235 30.61 -15.28 -17.38
N LYS A 236 31.12 -14.59 -18.39
CA LYS A 236 32.35 -14.99 -19.04
C LYS A 236 33.51 -15.05 -18.05
N ARG A 237 33.76 -13.94 -17.34
CA ARG A 237 34.90 -13.87 -16.44
C ARG A 237 34.77 -14.83 -15.27
N ILE A 238 33.54 -15.04 -14.78
CA ILE A 238 33.31 -16.01 -13.72
C ILE A 238 33.64 -17.43 -14.20
N ASP A 239 33.26 -17.74 -15.45
CA ASP A 239 33.58 -19.03 -16.05
C ASP A 239 35.08 -19.27 -16.11
N GLU A 240 35.82 -18.29 -16.62
CA GLU A 240 37.28 -18.35 -16.72
C GLU A 240 37.92 -18.53 -15.35
N ILE A 241 37.40 -17.81 -14.35
CA ILE A 241 37.87 -17.96 -12.97
C ILE A 241 37.62 -19.39 -12.50
N LYS A 242 36.44 -19.91 -12.80
CA LYS A 242 36.02 -21.25 -12.37
C LYS A 242 36.78 -22.37 -13.09
N GLU A 243 36.93 -22.26 -14.41
CA GLU A 243 37.67 -23.26 -15.16
C GLU A 243 39.17 -23.09 -14.96
N LYS A 244 39.54 -22.38 -13.90
CA LYS A 244 40.91 -22.36 -13.42
C LYS A 244 41.01 -23.04 -12.05
N PHE A 245 40.19 -24.08 -11.85
CA PHE A 245 40.15 -24.89 -10.60
C PHE A 245 39.90 -24.07 -9.34
N LYS B 2 -4.12 -18.72 35.26
CA LYS B 2 -2.83 -17.95 35.21
C LYS B 2 -3.06 -16.52 34.68
N ARG B 3 -4.07 -15.86 35.24
CA ARG B 3 -4.58 -14.59 34.72
C ARG B 3 -3.67 -13.38 34.94
N ASP B 4 -2.82 -13.43 35.95
CA ASP B 4 -1.87 -12.34 36.20
C ASP B 4 -0.76 -12.34 35.17
N LEU B 5 -0.31 -13.52 34.77
CA LEU B 5 0.72 -13.63 33.76
C LEU B 5 0.30 -12.90 32.50
N LEU B 6 -0.91 -13.17 32.02
CA LEU B 6 -1.48 -12.55 30.80
C LEU B 6 -1.52 -11.01 30.82
N ALA B 7 -1.71 -10.43 32.01
CA ALA B 7 -1.74 -8.96 32.15
C ALA B 7 -0.34 -8.36 31.96
N ILE B 8 0.66 -9.05 32.50
CA ILE B 8 2.07 -8.73 32.32
C ILE B 8 2.41 -8.73 30.83
N GLN B 9 1.97 -9.78 30.15
CA GLN B 9 2.25 -9.94 28.74
C GLN B 9 1.67 -8.77 27.96
N ALA B 10 0.45 -8.38 28.33
CA ALA B 10 -0.17 -7.18 27.79
C ALA B 10 0.72 -5.93 28.00
N VAL B 11 1.06 -5.60 29.24
CA VAL B 11 1.91 -4.42 29.47
C VAL B 11 3.23 -4.53 28.68
N ARG B 12 3.82 -5.73 28.66
CA ARG B 12 5.05 -5.92 27.91
C ARG B 12 4.86 -5.70 26.41
N ALA B 13 3.68 -6.06 25.92
CA ALA B 13 3.32 -5.83 24.53
C ALA B 13 3.21 -4.34 24.24
N MET B 14 2.69 -3.58 25.22
CA MET B 14 2.51 -2.14 25.08
C MET B 14 3.85 -1.40 24.94
N ASP B 15 4.85 -1.83 25.74
CA ASP B 15 6.23 -1.31 25.65
C ASP B 15 6.82 -1.60 24.28
N ASP B 16 6.58 -2.80 23.79
CA ASP B 16 7.07 -3.22 22.49
C ASP B 16 6.41 -2.40 21.36
N ILE B 17 5.13 -2.08 21.52
CA ILE B 17 4.44 -1.16 20.61
C ILE B 17 5.12 0.23 20.59
N ASP B 18 5.44 0.75 21.77
CA ASP B 18 6.10 2.05 21.88
C ASP B 18 7.48 2.08 21.20
N LYS B 19 8.35 1.10 21.52
CA LYS B 19 9.66 0.96 20.88
C LYS B 19 9.46 1.01 19.37
N THR B 20 8.44 0.29 18.91
CA THR B 20 8.13 0.17 17.50
C THR B 20 7.64 1.49 16.92
N ILE B 21 6.63 2.09 17.54
CA ILE B 21 6.09 3.37 17.09
C ILE B 21 7.23 4.37 16.85
N ASN B 22 8.14 4.47 17.81
CA ASN B 22 9.32 5.30 17.63
C ASN B 22 10.20 4.86 16.44
N LEU B 23 10.46 3.56 16.32
CA LEU B 23 11.27 3.06 15.23
C LEU B 23 10.68 3.46 13.87
N PHE B 24 9.38 3.24 13.72
CA PHE B 24 8.71 3.54 12.46
C PHE B 24 8.58 5.03 12.23
N SER B 25 8.41 5.78 13.30
CA SER B 25 8.35 7.23 13.19
C SER B 25 9.67 7.87 12.77
N GLU B 26 10.81 7.38 13.29
CA GLU B 26 12.13 7.84 12.79
C GLU B 26 12.15 7.68 11.28
N ARG B 27 11.94 6.44 10.87
CA ARG B 27 11.87 6.01 9.50
C ARG B 27 10.95 6.89 8.67
N LEU B 28 9.70 7.09 9.14
CA LEU B 28 8.71 7.90 8.42
C LEU B 28 9.20 9.35 8.30
N ARG B 29 9.71 9.91 9.39
CA ARG B 29 10.22 11.27 9.42
C ARG B 29 11.39 11.47 8.48
N GLU B 30 12.33 10.53 8.51
CA GLU B 30 13.46 10.58 7.59
C GLU B 30 12.94 10.43 6.15
N TRP B 31 12.02 9.48 5.94
CA TRP B 31 11.55 9.14 4.62
C TRP B 31 10.74 10.27 3.99
N TYR B 32 9.59 10.57 4.59
CA TYR B 32 8.71 11.67 4.16
C TYR B 32 9.45 13.00 4.09
N SER B 33 10.51 13.12 4.87
CA SER B 33 11.28 14.36 4.94
C SER B 33 11.98 14.73 3.64
N ILE B 34 12.28 13.76 2.78
CA ILE B 34 12.86 14.07 1.47
C ILE B 34 11.87 14.95 0.67
N HIS B 35 10.58 14.81 1.00
CA HIS B 35 9.50 15.56 0.35
C HIS B 35 9.13 16.83 1.13
N PHE B 36 8.93 16.68 2.43
CA PHE B 36 8.55 17.81 3.26
C PHE B 36 9.48 17.88 4.48
N PRO B 37 10.69 18.46 4.29
CA PRO B 37 11.71 18.44 5.34
C PRO B 37 11.31 19.28 6.56
N GLU B 38 10.50 20.31 6.35
CA GLU B 38 10.15 21.25 7.41
C GLU B 38 9.10 20.73 8.40
N LEU B 39 8.18 19.89 7.94
CA LEU B 39 7.16 19.32 8.81
C LEU B 39 7.75 18.64 10.04
N ASP B 40 8.88 17.95 9.86
CA ASP B 40 9.59 17.23 10.93
C ASP B 40 9.71 18.00 12.25
N LYS B 41 10.29 19.19 12.22
CA LYS B 41 10.50 20.00 13.43
C LYS B 41 9.27 20.80 13.84
N LEU B 42 8.24 20.80 12.99
CA LEU B 42 6.99 21.50 13.27
C LEU B 42 6.06 20.65 14.12
N ILE B 43 6.27 19.34 14.10
CA ILE B 43 5.41 18.42 14.86
C ILE B 43 6.22 17.42 15.68
N GLU B 44 6.16 17.56 17.00
CA GLU B 44 6.87 16.62 17.89
C GLU B 44 6.16 15.29 17.99
N ASP B 45 4.83 15.31 18.05
CA ASP B 45 4.02 14.10 18.27
C ASP B 45 4.00 13.17 17.06
N HIS B 46 4.33 11.90 17.29
CA HIS B 46 4.40 10.94 16.20
C HIS B 46 3.04 10.64 15.55
N GLU B 47 2.00 10.54 16.38
CA GLU B 47 0.65 10.25 15.90
C GLU B 47 0.13 11.30 14.90
N GLU B 48 0.41 12.57 15.18
CA GLU B 48 0.03 13.64 14.27
C GLU B 48 0.79 13.57 12.97
N TYR B 49 2.12 13.45 13.04
CA TYR B 49 2.96 13.36 11.83
C TYR B 49 2.41 12.29 10.90
N ALA B 50 2.18 11.10 11.44
CA ALA B 50 1.65 9.99 10.68
C ALA B 50 0.30 10.34 10.05
N THR B 51 -0.56 11.00 10.83
CA THR B 51 -1.89 11.42 10.38
C THR B 51 -1.85 12.32 9.13
N ILE B 52 -0.88 13.23 9.08
CA ILE B 52 -0.70 14.13 7.94
C ILE B 52 -0.25 13.31 6.74
N VAL B 53 0.91 12.67 6.88
CA VAL B 53 1.41 11.83 5.82
C VAL B 53 0.32 10.89 5.34
N SER B 54 -0.53 10.46 6.28
CA SER B 54 -1.54 9.45 6.01
C SER B 54 -2.75 9.98 5.27
N ARG B 55 -3.49 10.90 5.90
CA ARG B 55 -4.75 11.40 5.34
C ARG B 55 -4.61 12.44 4.24
N PHE B 56 -3.52 13.21 4.25
CA PHE B 56 -3.35 14.27 3.28
C PHE B 56 -2.29 14.00 2.22
N GLY B 57 -1.09 13.64 2.66
CA GLY B 57 -0.03 13.14 1.76
C GLY B 57 0.96 14.16 1.24
N ASP B 58 0.70 14.65 0.04
CA ASP B 58 1.56 15.62 -0.63
C ASP B 58 1.35 17.00 -0.01
N ARG B 59 2.45 17.64 0.40
CA ARG B 59 2.41 18.98 1.02
C ARG B 59 1.44 19.99 0.37
N GLY B 60 1.25 19.88 -0.94
CA GLY B 60 0.37 20.76 -1.69
C GLY B 60 -1.12 20.50 -1.55
N PHE B 61 -1.48 19.42 -0.87
CA PHE B 61 -2.90 19.05 -0.65
C PHE B 61 -3.42 19.50 0.72
N LEU B 62 -2.54 20.11 1.53
CA LEU B 62 -2.90 20.58 2.86
C LEU B 62 -3.78 21.82 2.78
N THR B 63 -4.64 22.02 3.78
CA THR B 63 -5.59 23.14 3.78
C THR B 63 -5.97 23.62 5.16
N ILE B 64 -6.36 24.89 5.25
CA ILE B 64 -6.93 25.46 6.47
C ILE B 64 -8.01 24.53 7.02
N ASP B 65 -9.02 24.25 6.21
CA ASP B 65 -10.13 23.39 6.65
C ASP B 65 -9.60 22.05 7.06
N SER B 66 -8.89 21.43 6.13
CA SER B 66 -8.34 20.10 6.35
C SER B 66 -7.57 20.00 7.66
N LEU B 67 -6.82 21.05 7.99
CA LEU B 67 -6.01 21.07 9.22
C LEU B 67 -6.77 21.44 10.51
N LYS B 68 -7.81 22.25 10.39
CA LYS B 68 -8.76 22.52 11.49
C LYS B 68 -9.48 21.22 11.88
N GLU B 69 -9.52 20.29 10.93
CA GLU B 69 -10.09 18.97 11.11
C GLU B 69 -9.18 18.07 11.95
N LEU B 70 -8.12 18.64 12.50
CA LEU B 70 -7.21 17.88 13.33
C LEU B 70 -6.93 18.60 14.62
N GLY B 71 -7.62 19.71 14.83
CA GLY B 71 -7.51 20.48 16.06
C GLY B 71 -6.30 21.36 16.17
N PHE B 72 -5.58 21.56 15.07
CA PHE B 72 -4.45 22.49 15.04
C PHE B 72 -4.97 23.91 15.08
N ASN B 73 -4.41 24.73 15.96
CA ASN B 73 -4.81 26.14 16.05
C ASN B 73 -4.24 26.97 14.90
N GLU B 74 -4.90 28.11 14.66
CA GLU B 74 -4.61 28.97 13.51
C GLU B 74 -3.16 29.47 13.46
N GLN B 75 -2.59 29.78 14.62
CA GLN B 75 -1.18 30.15 14.75
C GLN B 75 -0.27 29.06 14.17
N ARG B 76 -0.61 27.78 14.38
CA ARG B 76 0.19 26.70 13.84
C ARG B 76 -0.21 26.31 12.42
N ILE B 77 -1.49 26.39 12.10
CA ILE B 77 -1.94 26.07 10.75
C ILE B 77 -1.21 26.89 9.69
N ASN B 78 -0.93 28.14 10.00
CA ASN B 78 -0.22 29.00 9.07
C ASN B 78 1.26 28.66 8.88
N ARG B 79 1.95 28.30 9.97
CA ARG B 79 3.34 27.88 9.83
C ARG B 79 3.48 26.69 8.88
N ILE B 80 2.67 25.64 9.10
CA ILE B 80 2.63 24.45 8.26
C ILE B 80 2.35 24.76 6.80
N LEU B 81 1.25 25.46 6.55
CA LEU B 81 0.77 25.75 5.19
C LEU B 81 1.69 26.64 4.38
N ASP B 82 2.44 27.48 5.09
CA ASP B 82 3.41 28.36 4.49
C ASP B 82 4.68 27.60 4.13
N ALA B 83 5.18 26.84 5.10
CA ALA B 83 6.29 25.92 4.86
C ALA B 83 5.91 24.84 3.83
N ALA B 84 4.61 24.74 3.51
CA ALA B 84 4.17 23.89 2.41
C ALA B 84 4.45 24.57 1.09
N LYS B 85 4.11 25.85 0.97
CA LYS B 85 4.38 26.62 -0.25
C LYS B 85 5.88 26.80 -0.50
N LYS B 86 6.57 27.42 0.47
CA LYS B 86 7.98 27.78 0.33
C LYS B 86 8.93 26.57 0.40
N SER B 87 8.38 25.37 0.36
CA SER B 87 9.10 24.14 0.72
C SER B 87 10.35 23.78 -0.07
N ILE B 88 11.41 23.53 0.69
CA ILE B 88 12.73 23.20 0.18
C ILE B 88 12.75 21.77 -0.43
N GLY B 89 11.76 20.96 -0.06
CA GLY B 89 11.75 19.54 -0.41
C GLY B 89 11.52 19.15 -1.86
N ALA B 90 11.63 17.85 -2.12
CA ALA B 90 11.56 17.29 -3.47
C ALA B 90 10.13 16.97 -3.90
N ASP B 91 9.99 16.53 -5.15
CA ASP B 91 8.70 16.10 -5.70
C ASP B 91 8.56 14.58 -5.68
N ILE B 92 7.32 14.12 -5.55
CA ILE B 92 7.02 12.73 -5.23
C ILE B 92 5.91 12.15 -6.13
N SER B 93 6.10 10.93 -6.61
CA SER B 93 5.05 10.21 -7.34
C SER B 93 4.04 9.65 -6.35
N GLU B 94 2.82 9.38 -6.82
CA GLU B 94 1.77 8.84 -5.96
C GLU B 94 2.15 7.46 -5.46
N ASP B 95 3.05 6.79 -6.19
CA ASP B 95 3.60 5.53 -5.74
C ASP B 95 4.54 5.71 -4.56
N ASP B 96 5.31 6.80 -4.58
CA ASP B 96 6.19 7.16 -3.46
C ASP B 96 5.38 7.46 -2.21
N LEU B 97 4.32 8.26 -2.40
CA LEU B 97 3.41 8.62 -1.31
C LEU B 97 2.82 7.38 -0.67
N SER B 98 2.22 6.53 -1.50
CA SER B 98 1.49 5.37 -0.97
C SER B 98 2.42 4.35 -0.32
N ALA B 99 3.69 4.33 -0.74
CA ALA B 99 4.69 3.48 -0.09
C ALA B 99 5.10 4.03 1.29
N MET B 100 5.29 5.35 1.37
CA MET B 100 5.52 6.03 2.66
C MET B 100 4.34 5.73 3.60
N ARG B 101 3.12 5.84 3.07
CA ARG B 101 1.91 5.69 3.87
C ARG B 101 1.73 4.31 4.46
N MET B 102 2.31 3.28 3.84
CA MET B 102 2.23 1.95 4.41
C MET B 102 2.81 2.03 5.80
N ILE B 103 3.94 2.71 5.93
CA ILE B 103 4.55 2.91 7.23
C ILE B 103 3.73 3.85 8.13
N ALA B 104 3.28 4.96 7.55
CA ALA B 104 2.45 5.90 8.30
C ALA B 104 1.21 5.24 8.92
N ASN B 105 0.47 4.49 8.11
CA ASN B 105 -0.75 3.86 8.59
C ASN B 105 -0.50 2.76 9.60
N THR B 106 0.63 2.08 9.45
CA THR B 106 1.09 1.12 10.45
C THR B 106 1.21 1.84 11.78
N ILE B 107 1.86 3.01 11.79
CA ILE B 107 2.00 3.80 13.03
C ILE B 107 0.64 4.15 13.62
N LEU B 108 -0.31 4.56 12.77
CA LEU B 108 -1.67 4.82 13.21
C LEU B 108 -2.32 3.58 13.79
N ASP B 109 -2.11 2.44 13.14
CA ASP B 109 -2.66 1.18 13.61
C ASP B 109 -2.13 0.82 14.97
N LEU B 110 -0.83 0.98 15.16
CA LEU B 110 -0.18 0.71 16.43
C LEU B 110 -0.73 1.56 17.58
N TYR B 111 -1.10 2.81 17.30
CA TYR B 111 -1.67 3.69 18.30
C TYR B 111 -3.00 3.18 18.83
N ASN B 112 -3.83 2.63 17.94
CA ASN B 112 -5.11 2.04 18.35
C ASN B 112 -4.97 0.77 19.16
N ILE B 113 -3.99 -0.05 18.78
CA ILE B 113 -3.69 -1.32 19.42
C ILE B 113 -3.28 -1.06 20.87
N ARG B 114 -2.51 0.01 21.06
CA ARG B 114 -2.09 0.45 22.40
C ARG B 114 -3.32 0.78 23.24
N ARG B 115 -4.20 1.61 22.68
CA ARG B 115 -5.43 1.99 23.37
C ARG B 115 -6.24 0.75 23.72
N ASN B 116 -6.35 -0.16 22.75
CA ASN B 116 -7.08 -1.41 22.91
C ASN B 116 -6.49 -2.31 23.96
N LEU B 117 -5.18 -2.50 23.89
CA LEU B 117 -4.50 -3.31 24.89
C LEU B 117 -4.58 -2.66 26.25
N ASN B 118 -4.58 -1.33 26.29
CA ASN B 118 -4.78 -0.62 27.55
C ASN B 118 -6.14 -0.89 28.20
N ASN B 119 -7.20 -0.98 27.40
CA ASN B 119 -8.51 -1.35 27.91
C ASN B 119 -8.56 -2.80 28.35
N TYR B 120 -7.92 -3.67 27.58
CA TYR B 120 -7.76 -5.05 28.01
C TYR B 120 -7.03 -5.14 29.35
N LEU B 121 -5.97 -4.34 29.52
CA LEU B 121 -5.15 -4.35 30.72
C LEU B 121 -5.93 -3.97 31.95
N GLU B 122 -6.87 -3.03 31.79
CA GLU B 122 -7.71 -2.52 32.86
C GLU B 122 -8.75 -3.53 33.32
N GLY B 123 -9.48 -4.10 32.37
CA GLY B 123 -10.44 -5.13 32.67
C GLY B 123 -9.82 -6.27 33.46
N VAL B 124 -8.65 -6.72 33.02
CA VAL B 124 -7.98 -7.85 33.64
C VAL B 124 -7.49 -7.50 35.04
N MET B 125 -6.69 -6.44 35.13
CA MET B 125 -6.09 -6.06 36.40
C MET B 125 -7.16 -5.82 37.46
N LYS B 126 -8.29 -5.23 37.05
CA LYS B 126 -9.45 -5.00 37.93
C LYS B 126 -10.08 -6.29 38.46
N GLU B 127 -9.73 -7.41 37.83
CA GLU B 127 -10.21 -8.70 38.29
C GLU B 127 -9.15 -9.52 39.04
N VAL B 128 -7.92 -9.54 38.54
CA VAL B 128 -6.87 -10.37 39.14
C VAL B 128 -6.12 -9.68 40.31
N ALA B 129 -6.06 -8.35 40.29
CA ALA B 129 -5.44 -7.60 41.38
C ALA B 129 -6.12 -6.23 41.60
N PRO B 130 -7.42 -6.25 42.01
CA PRO B 130 -8.22 -5.01 42.08
C PRO B 130 -7.68 -4.02 43.10
N ASN B 131 -7.18 -4.54 44.21
CA ASN B 131 -6.65 -3.73 45.30
C ASN B 131 -5.34 -3.05 44.94
N VAL B 132 -4.52 -3.70 44.13
CA VAL B 132 -3.33 -3.07 43.54
C VAL B 132 -3.72 -1.97 42.56
N THR B 133 -4.70 -2.26 41.70
CA THR B 133 -5.21 -1.30 40.72
C THR B 133 -5.87 -0.13 41.39
N ALA B 134 -6.56 -0.40 42.49
CA ALA B 134 -7.15 0.66 43.26
C ALA B 134 -6.07 1.64 43.71
N LEU B 135 -4.87 1.15 43.97
CA LEU B 135 -3.81 2.00 44.48
C LEU B 135 -3.11 2.80 43.39
N VAL B 136 -2.53 2.10 42.45
CA VAL B 136 -1.58 2.70 41.53
C VAL B 136 -2.13 2.75 40.11
N GLY B 137 -3.20 2.00 39.86
CA GLY B 137 -3.85 1.96 38.55
C GLY B 137 -3.48 0.71 37.76
N PRO B 138 -4.16 0.47 36.62
CA PRO B 138 -3.92 -0.75 35.86
C PRO B 138 -2.47 -0.91 35.41
N ALA B 139 -1.96 0.08 34.68
CA ALA B 139 -0.63 0.02 34.02
C ALA B 139 0.54 -0.21 34.98
N LEU B 140 0.73 0.74 35.89
CA LEU B 140 1.73 0.63 36.95
C LEU B 140 1.62 -0.71 37.68
N GLY B 141 0.38 -1.14 37.97
CA GLY B 141 0.09 -2.40 38.68
C GLY B 141 0.54 -3.66 37.97
N ALA B 142 0.30 -3.72 36.67
CA ALA B 142 0.83 -4.77 35.83
C ALA B 142 2.35 -4.70 35.74
N ARG B 143 2.87 -3.48 35.76
CA ARG B 143 4.30 -3.23 35.59
C ARG B 143 5.09 -3.79 36.76
N LEU B 144 4.55 -3.60 37.96
CA LEU B 144 5.12 -4.17 39.18
C LEU B 144 5.13 -5.70 39.12
N LEU B 145 4.00 -6.26 38.69
CA LEU B 145 3.88 -7.69 38.50
C LEU B 145 4.94 -8.15 37.49
N SER B 146 5.05 -7.41 36.39
CA SER B 146 6.01 -7.77 35.37
C SER B 146 7.41 -7.94 35.95
N ILE B 147 7.82 -7.00 36.80
CA ILE B 147 9.14 -7.05 37.42
C ILE B 147 9.16 -8.13 38.49
N ALA B 148 8.04 -8.27 39.19
CA ALA B 148 7.94 -9.23 40.26
C ALA B 148 8.02 -10.65 39.73
N GLY B 149 7.49 -10.86 38.53
CA GLY B 149 7.41 -12.19 37.93
C GLY B 149 5.98 -12.74 37.91
N SER B 150 5.30 -12.64 39.07
CA SER B 150 3.91 -13.14 39.24
C SER B 150 3.26 -12.47 40.43
N LEU B 151 1.92 -12.55 40.53
CA LEU B 151 1.19 -11.99 41.68
C LEU B 151 1.62 -12.62 43.00
N ASP B 152 1.77 -13.94 43.01
CA ASP B 152 2.28 -14.64 44.17
C ASP B 152 3.67 -14.15 44.57
N GLU B 153 4.52 -13.89 43.58
CA GLU B 153 5.88 -13.44 43.86
C GLU B 153 5.91 -12.01 44.37
N LEU B 154 4.97 -11.19 43.92
CA LEU B 154 4.80 -9.82 44.40
C LEU B 154 4.31 -9.83 45.84
N ALA B 155 3.31 -10.66 46.12
CA ALA B 155 2.72 -10.76 47.46
C ALA B 155 3.67 -11.34 48.51
N LYS B 156 4.81 -11.86 48.06
CA LYS B 156 5.80 -12.36 49.00
C LYS B 156 6.89 -11.34 49.29
N MET B 157 6.88 -10.23 48.56
CA MET B 157 7.85 -9.17 48.76
C MET B 157 7.48 -8.29 49.96
N PRO B 158 8.47 -7.92 50.78
CA PRO B 158 8.19 -6.92 51.82
C PRO B 158 8.07 -5.52 51.20
N ALA B 159 7.50 -4.57 51.95
CA ALA B 159 7.40 -3.19 51.48
C ALA B 159 8.74 -2.64 50.97
N SER B 160 9.80 -2.87 51.73
CA SER B 160 11.15 -2.41 51.39
C SER B 160 11.64 -2.89 50.01
N THR B 161 11.09 -4.00 49.52
CA THR B 161 11.47 -4.55 48.21
C THR B 161 10.65 -3.92 47.10
N ILE B 162 9.35 -3.78 47.34
CA ILE B 162 8.45 -3.17 46.36
C ILE B 162 8.87 -1.72 46.09
N GLN B 163 9.30 -1.04 47.14
CA GLN B 163 9.71 0.36 47.07
C GLN B 163 10.84 0.61 46.08
N VAL B 164 11.61 -0.44 45.76
CA VAL B 164 12.77 -0.30 44.89
C VAL B 164 12.58 -0.84 43.45
N LEU B 165 11.57 -1.70 43.25
CA LEU B 165 11.33 -2.30 41.94
C LEU B 165 11.28 -1.29 40.79
N GLY B 185 13.26 3.89 42.24
CA GLY B 185 12.21 2.86 42.23
C GLY B 185 11.00 3.22 41.36
N ILE B 186 10.35 2.20 40.80
CA ILE B 186 9.26 2.40 39.83
C ILE B 186 7.95 2.99 40.39
N ILE B 187 7.65 2.71 41.65
CA ILE B 187 6.45 3.27 42.28
C ILE B 187 6.58 4.78 42.49
N PHE B 188 7.78 5.31 42.29
CA PHE B 188 8.02 6.74 42.43
C PHE B 188 7.32 7.55 41.32
N GLN B 189 6.65 6.86 40.40
CA GLN B 189 5.88 7.52 39.34
C GLN B 189 4.46 7.91 39.77
N TYR B 190 4.00 7.32 40.87
CA TYR B 190 2.68 7.59 41.44
C TYR B 190 2.56 9.09 41.67
N PRO B 191 1.46 9.71 41.17
CA PRO B 191 1.42 11.18 41.18
C PRO B 191 1.75 11.77 42.54
N ALA B 192 1.07 11.35 43.61
CA ALA B 192 1.35 11.90 44.93
C ALA B 192 2.85 11.94 45.25
N ILE B 193 3.62 11.02 44.67
CA ILE B 193 5.08 11.05 44.78
C ILE B 193 5.72 12.03 43.78
N HIS B 194 5.48 11.81 42.48
CA HIS B 194 6.14 12.60 41.41
C HIS B 194 5.85 14.10 41.48
N THR B 195 4.69 14.46 42.03
CA THR B 195 4.29 15.84 42.24
C THR B 195 5.10 16.50 43.35
N SER B 196 5.41 15.75 44.40
CA SER B 196 6.02 16.29 45.61
C SER B 196 7.49 16.70 45.43
N PRO B 197 7.92 17.75 46.16
CA PRO B 197 9.34 18.13 46.22
C PRO B 197 10.24 16.94 46.65
N ARG B 198 11.41 16.83 46.03
CA ARG B 198 12.28 15.64 46.18
C ARG B 198 12.41 15.12 47.62
N TRP B 199 12.47 16.03 48.60
CA TRP B 199 12.68 15.62 50.00
C TRP B 199 11.54 14.77 50.61
N GLN B 200 10.31 14.99 50.16
CA GLN B 200 9.15 14.30 50.73
C GLN B 200 8.97 12.89 50.20
N ARG B 201 9.56 12.63 49.04
CA ARG B 201 9.28 11.41 48.26
C ARG B 201 9.69 10.12 48.97
N GLY B 202 10.79 10.17 49.70
CA GLY B 202 11.22 9.03 50.51
C GLY B 202 10.08 8.50 51.37
N LYS B 203 9.53 9.37 52.22
CA LYS B 203 8.47 8.99 53.16
C LYS B 203 7.15 8.61 52.48
N ILE B 204 6.83 9.26 51.36
CA ILE B 204 5.61 8.95 50.59
C ILE B 204 5.73 7.58 49.94
N ALA B 205 6.81 7.33 49.23
CA ALA B 205 7.06 6.02 48.62
C ALA B 205 7.03 4.88 49.65
N ARG B 206 7.41 5.18 50.90
CA ARG B 206 7.37 4.22 52.00
C ARG B 206 5.92 3.85 52.38
N ALA B 207 5.04 4.85 52.39
CA ALA B 207 3.63 4.63 52.69
C ALA B 207 2.92 3.80 51.61
N LEU B 208 3.19 4.14 50.35
CA LEU B 208 2.61 3.43 49.22
C LEU B 208 3.05 1.99 49.24
N ALA B 209 4.37 1.79 49.37
CA ALA B 209 4.92 0.44 49.42
C ALA B 209 4.20 -0.37 50.48
N ALA B 210 3.98 0.23 51.65
CA ALA B 210 3.30 -0.44 52.77
C ALA B 210 1.89 -0.90 52.42
N LYS B 211 1.13 -0.02 51.74
CA LYS B 211 -0.23 -0.33 51.32
C LYS B 211 -0.24 -1.34 50.18
N LEU B 212 0.74 -1.24 49.29
CA LEU B 212 0.83 -2.17 48.19
C LEU B 212 1.12 -3.58 48.68
N ALA B 213 1.98 -3.69 49.70
CA ALA B 213 2.30 -4.98 50.34
C ALA B 213 1.05 -5.73 50.83
N ILE B 214 0.17 -5.01 51.53
CA ILE B 214 -1.13 -5.56 51.96
C ILE B 214 -2.02 -5.84 50.74
N ALA B 215 -2.08 -4.88 49.82
CA ALA B 215 -2.93 -4.95 48.65
C ALA B 215 -2.61 -6.14 47.75
N ALA B 216 -1.33 -6.45 47.58
CA ALA B 216 -0.91 -7.57 46.75
C ALA B 216 -1.26 -8.89 47.42
N ARG B 217 -1.36 -8.85 48.75
CA ARG B 217 -1.62 -10.04 49.56
C ARG B 217 -3.09 -10.44 49.65
N VAL B 218 -3.97 -9.47 49.88
CA VAL B 218 -5.40 -9.75 49.84
C VAL B 218 -5.81 -10.17 48.41
N ASP B 219 -5.09 -9.64 47.42
CA ASP B 219 -5.31 -10.00 46.03
C ASP B 219 -4.82 -11.40 45.73
N ALA B 220 -3.61 -11.72 46.17
CA ALA B 220 -3.06 -13.07 46.00
C ALA B 220 -3.97 -14.15 46.60
N PHE B 221 -4.36 -13.97 47.86
CA PHE B 221 -5.26 -14.89 48.56
C PHE B 221 -6.67 -14.81 47.97
N SER B 222 -6.91 -13.77 47.17
CA SER B 222 -8.19 -13.51 46.55
C SER B 222 -9.24 -13.25 47.62
N GLY B 223 -8.92 -12.35 48.53
CA GLY B 223 -9.82 -11.95 49.62
C GLY B 223 -10.80 -10.85 49.25
N ARG B 224 -11.37 -10.18 50.25
CA ARG B 224 -12.35 -9.12 50.03
C ARG B 224 -11.69 -7.79 49.65
N PHE B 225 -12.39 -7.00 48.83
CA PHE B 225 -11.90 -5.71 48.34
C PHE B 225 -11.76 -4.65 49.44
N ILE B 226 -10.53 -4.24 49.71
CA ILE B 226 -10.25 -3.16 50.67
C ILE B 226 -9.62 -1.93 50.00
N GLY B 227 -9.93 -1.73 48.73
CA GLY B 227 -9.35 -0.64 47.95
C GLY B 227 -9.71 0.75 48.47
N ASP B 228 -10.95 0.91 48.89
CA ASP B 228 -11.43 2.19 49.43
C ASP B 228 -10.63 2.60 50.67
N GLN B 229 -10.59 1.70 51.64
CA GLN B 229 -9.92 1.93 52.92
C GLN B 229 -8.41 2.09 52.76
N LEU B 230 -7.80 1.26 51.90
CA LEU B 230 -6.38 1.37 51.58
C LEU B 230 -6.02 2.75 51.04
N ASN B 231 -6.85 3.29 50.15
CA ASN B 231 -6.67 4.64 49.58
C ASN B 231 -6.85 5.76 50.60
N GLU B 232 -7.84 5.62 51.47
CA GLU B 232 -8.09 6.58 52.53
C GLU B 232 -6.93 6.65 53.51
N GLN B 233 -6.42 5.48 53.88
CA GLN B 233 -5.28 5.39 54.81
C GLN B 233 -3.99 5.98 54.22
N LEU B 234 -3.86 5.92 52.90
CA LEU B 234 -2.70 6.47 52.20
C LEU B 234 -2.80 7.98 52.17
N LYS B 235 -3.99 8.48 51.86
CA LYS B 235 -4.26 9.92 51.84
C LYS B 235 -4.03 10.56 53.22
N LYS B 236 -4.47 9.88 54.29
CA LYS B 236 -4.23 10.36 55.65
C LYS B 236 -2.74 10.48 55.92
N ARG B 237 -1.99 9.40 55.70
CA ARG B 237 -0.56 9.37 56.00
C ARG B 237 0.23 10.38 55.16
N ILE B 238 -0.14 10.53 53.89
CA ILE B 238 0.51 11.52 53.02
C ILE B 238 0.24 12.95 53.52
N ASP B 239 -0.98 13.21 53.99
CA ASP B 239 -1.31 14.53 54.55
C ASP B 239 -0.44 14.84 55.78
N GLU B 240 -0.34 13.88 56.71
CA GLU B 240 0.50 14.00 57.90
C GLU B 240 1.96 14.25 57.54
N ILE B 241 2.45 13.52 56.54
CA ILE B 241 3.79 13.71 56.01
C ILE B 241 3.94 15.13 55.49
N LYS B 242 2.94 15.60 54.74
CA LYS B 242 2.97 16.92 54.11
C LYS B 242 2.79 18.08 55.09
N GLU B 243 1.88 17.93 56.05
CA GLU B 243 1.70 18.94 57.09
C GLU B 243 2.82 18.89 58.14
N LYS B 244 3.92 18.21 57.79
CA LYS B 244 5.15 18.28 58.56
C LYS B 244 6.25 18.97 57.75
N PHE B 245 5.83 19.94 56.93
CA PHE B 245 6.71 20.77 56.08
C PHE B 245 7.67 19.96 55.18
N LYS C 2 6.25 -7.58 -36.27
CA LYS C 2 5.16 -7.00 -37.12
C LYS C 2 4.08 -6.28 -36.31
N ARG C 3 4.53 -5.45 -35.37
CA ARG C 3 3.68 -4.91 -34.31
C ARG C 3 2.66 -3.84 -34.75
N ASP C 4 2.93 -3.17 -35.86
CA ASP C 4 2.01 -2.16 -36.40
C ASP C 4 0.80 -2.83 -37.05
N LEU C 5 1.05 -3.93 -37.73
CA LEU C 5 -0.01 -4.66 -38.39
C LEU C 5 -1.07 -5.00 -37.35
N LEU C 6 -0.64 -5.59 -36.23
CA LEU C 6 -1.51 -6.00 -35.11
C LEU C 6 -2.43 -4.89 -34.56
N ALA C 7 -1.92 -3.66 -34.54
CA ALA C 7 -2.69 -2.51 -34.07
C ALA C 7 -3.83 -2.15 -35.05
N ILE C 8 -3.51 -2.22 -36.35
CA ILE C 8 -4.47 -2.08 -37.45
C ILE C 8 -5.60 -3.08 -37.29
N GLN C 9 -5.22 -4.34 -37.10
CA GLN C 9 -6.17 -5.41 -36.92
C GLN C 9 -7.14 -5.09 -35.80
N ALA C 10 -6.58 -4.61 -34.69
CA ALA C 10 -7.36 -4.14 -33.57
C ALA C 10 -8.38 -3.05 -33.97
N VAL C 11 -7.92 -1.94 -34.55
CA VAL C 11 -8.84 -0.88 -34.99
C VAL C 11 -9.90 -1.44 -35.96
N ARG C 12 -9.49 -2.32 -36.86
CA ARG C 12 -10.41 -2.92 -37.79
C ARG C 12 -11.46 -3.78 -37.07
N ALA C 13 -11.02 -4.42 -35.99
CA ALA C 13 -11.92 -5.23 -35.18
C ALA C 13 -12.97 -4.34 -34.48
N MET C 14 -12.54 -3.16 -34.05
CA MET C 14 -13.42 -2.20 -33.37
C MET C 14 -14.56 -1.72 -34.27
N ASP C 15 -14.25 -1.44 -35.53
CA ASP C 15 -15.22 -1.07 -36.56
C ASP C 15 -16.23 -2.20 -36.74
N ASP C 16 -15.72 -3.43 -36.82
CA ASP C 16 -16.54 -4.61 -36.98
C ASP C 16 -17.49 -4.78 -35.80
N ILE C 17 -16.99 -4.49 -34.60
CA ILE C 17 -17.82 -4.48 -33.41
C ILE C 17 -18.97 -3.47 -33.53
N ASP C 18 -18.67 -2.24 -33.96
CA ASP C 18 -19.69 -1.20 -34.21
C ASP C 18 -20.78 -1.64 -35.20
N LYS C 19 -20.35 -2.05 -36.39
CA LYS C 19 -21.24 -2.58 -37.42
C LYS C 19 -22.17 -3.59 -36.77
N THR C 20 -21.60 -4.46 -35.93
CA THR C 20 -22.33 -5.53 -35.28
C THR C 20 -23.29 -5.00 -34.21
N ILE C 21 -22.78 -4.17 -33.29
CA ILE C 21 -23.60 -3.57 -32.23
C ILE C 21 -24.87 -2.97 -32.84
N ASN C 22 -24.72 -2.21 -33.92
CA ASN C 22 -25.84 -1.67 -34.64
C ASN C 22 -26.76 -2.76 -35.17
N LEU C 23 -26.19 -3.75 -35.85
CA LEU C 23 -26.99 -4.84 -36.42
C LEU C 23 -27.86 -5.52 -35.36
N PHE C 24 -27.24 -5.80 -34.22
CA PHE C 24 -27.92 -6.47 -33.12
C PHE C 24 -28.93 -5.56 -32.45
N SER C 25 -28.62 -4.28 -32.37
CA SER C 25 -29.51 -3.33 -31.76
C SER C 25 -30.76 -3.07 -32.58
N GLU C 26 -30.64 -3.03 -33.91
CA GLU C 26 -31.81 -2.99 -34.79
C GLU C 26 -32.73 -4.14 -34.41
N ARG C 27 -32.18 -5.34 -34.56
CA ARG C 27 -32.81 -6.59 -34.21
C ARG C 27 -33.46 -6.55 -32.82
N LEU C 28 -32.70 -6.17 -31.80
CA LEU C 28 -33.22 -6.13 -30.44
C LEU C 28 -34.37 -5.14 -30.34
N ARG C 29 -34.21 -3.96 -30.94
CA ARG C 29 -35.24 -2.92 -30.89
C ARG C 29 -36.50 -3.36 -31.59
N GLU C 30 -36.33 -3.98 -32.76
CA GLU C 30 -37.45 -4.56 -33.48
C GLU C 30 -38.12 -5.69 -32.66
N TRP C 31 -37.29 -6.55 -32.08
CA TRP C 31 -37.75 -7.73 -31.37
C TRP C 31 -38.46 -7.36 -30.06
N TYR C 32 -37.73 -6.75 -29.13
CA TYR C 32 -38.28 -6.35 -27.84
C TYR C 32 -39.46 -5.39 -28.01
N SER C 33 -39.51 -4.70 -29.15
CA SER C 33 -40.55 -3.71 -29.37
C SER C 33 -41.93 -4.30 -29.54
N ILE C 34 -42.03 -5.59 -29.86
CA ILE C 34 -43.33 -6.28 -29.86
C ILE C 34 -43.94 -6.21 -28.46
N HIS C 35 -43.07 -6.15 -27.45
CA HIS C 35 -43.47 -6.09 -26.05
C HIS C 35 -43.56 -4.66 -25.54
N PHE C 36 -42.54 -3.87 -25.82
CA PHE C 36 -42.47 -2.51 -25.32
C PHE C 36 -42.11 -1.59 -26.49
N PRO C 37 -43.13 -1.25 -27.33
CA PRO C 37 -42.93 -0.44 -28.54
C PRO C 37 -42.47 0.98 -28.27
N GLU C 38 -42.85 1.53 -27.11
CA GLU C 38 -42.55 2.91 -26.77
C GLU C 38 -41.09 3.15 -26.39
N LEU C 39 -40.47 2.19 -25.71
CA LEU C 39 -39.10 2.32 -25.27
C LEU C 39 -38.15 2.71 -26.40
N ASP C 40 -38.37 2.15 -27.59
CA ASP C 40 -37.53 2.40 -28.76
C ASP C 40 -37.18 3.87 -29.00
N LYS C 41 -38.20 4.72 -29.09
CA LYS C 41 -38.00 6.14 -29.38
C LYS C 41 -37.61 6.96 -28.13
N LEU C 42 -37.71 6.35 -26.97
CA LEU C 42 -37.38 6.99 -25.71
C LEU C 42 -35.89 6.93 -25.39
N ILE C 43 -35.19 5.97 -26.01
CA ILE C 43 -33.76 5.79 -25.78
C ILE C 43 -33.00 5.67 -27.10
N GLU C 44 -32.18 6.68 -27.41
CA GLU C 44 -31.34 6.66 -28.60
C GLU C 44 -30.18 5.69 -28.50
N ASP C 45 -29.52 5.69 -27.33
CA ASP C 45 -28.28 4.94 -27.08
C ASP C 45 -28.51 3.43 -27.02
N HIS C 46 -27.77 2.68 -27.81
CA HIS C 46 -27.96 1.23 -27.87
C HIS C 46 -27.55 0.50 -26.58
N GLU C 47 -26.50 0.97 -25.93
CA GLU C 47 -26.03 0.34 -24.70
C GLU C 47 -27.07 0.41 -23.59
N GLU C 48 -27.76 1.53 -23.49
CA GLU C 48 -28.83 1.69 -22.51
C GLU C 48 -30.01 0.78 -22.82
N TYR C 49 -30.49 0.80 -24.06
CA TYR C 49 -31.59 -0.07 -24.47
C TYR C 49 -31.33 -1.51 -24.05
N ALA C 50 -30.14 -2.02 -24.39
CA ALA C 50 -29.75 -3.38 -24.05
C ALA C 50 -29.76 -3.61 -22.56
N THR C 51 -29.27 -2.64 -21.80
CA THR C 51 -29.20 -2.73 -20.34
C THR C 51 -30.58 -2.91 -19.69
N ILE C 52 -31.60 -2.25 -20.24
CA ILE C 52 -32.96 -2.37 -19.75
C ILE C 52 -33.48 -3.75 -20.07
N VAL C 53 -33.54 -4.07 -21.36
CA VAL C 53 -33.96 -5.39 -21.78
C VAL C 53 -33.20 -6.46 -20.99
N SER C 54 -31.96 -6.16 -20.65
CA SER C 54 -31.07 -7.14 -20.04
C SER C 54 -31.33 -7.30 -18.55
N ARG C 55 -31.13 -6.24 -17.77
CA ARG C 55 -31.22 -6.31 -16.31
C ARG C 55 -32.63 -6.32 -15.73
N PHE C 56 -33.58 -5.74 -16.45
CA PHE C 56 -34.94 -5.57 -15.95
C PHE C 56 -35.95 -6.46 -16.66
N GLY C 57 -35.97 -6.40 -17.99
CA GLY C 57 -36.75 -7.34 -18.81
C GLY C 57 -38.14 -6.91 -19.20
N ASP C 58 -39.12 -7.36 -18.43
CA ASP C 58 -40.54 -7.07 -18.67
C ASP C 58 -40.86 -5.66 -18.19
N ARG C 59 -41.47 -4.86 -19.04
CA ARG C 59 -41.84 -3.47 -18.74
C ARG C 59 -42.41 -3.22 -17.33
N GLY C 60 -43.13 -4.21 -16.81
CA GLY C 60 -43.76 -4.11 -15.50
C GLY C 60 -42.85 -4.26 -14.30
N PHE C 61 -41.58 -4.60 -14.54
CA PHE C 61 -40.60 -4.78 -13.47
C PHE C 61 -39.71 -3.55 -13.29
N LEU C 62 -39.94 -2.53 -14.11
CA LEU C 62 -39.19 -1.26 -14.06
C LEU C 62 -39.60 -0.45 -12.84
N THR C 63 -38.66 0.32 -12.29
CA THR C 63 -38.93 1.09 -11.07
C THR C 63 -38.09 2.37 -10.98
N ILE C 64 -38.61 3.34 -10.22
CA ILE C 64 -37.87 4.56 -9.91
C ILE C 64 -36.48 4.21 -9.43
N ASP C 65 -36.40 3.40 -8.37
CA ASP C 65 -35.11 3.03 -7.78
C ASP C 65 -34.27 2.37 -8.82
N SER C 66 -34.81 1.31 -9.41
CA SER C 66 -34.04 0.54 -10.37
C SER C 66 -33.53 1.37 -11.56
N LEU C 67 -34.30 2.39 -11.97
CA LEU C 67 -33.87 3.30 -13.04
C LEU C 67 -32.88 4.39 -12.61
N LYS C 68 -32.97 4.87 -11.37
CA LYS C 68 -31.97 5.78 -10.78
C LYS C 68 -30.61 5.10 -10.70
N GLU C 69 -30.65 3.76 -10.71
CA GLU C 69 -29.47 2.92 -10.69
C GLU C 69 -28.83 2.86 -12.07
N LEU C 70 -29.29 3.71 -12.98
CA LEU C 70 -28.71 3.77 -14.31
C LEU C 70 -28.41 5.19 -14.70
N GLY C 71 -28.63 6.12 -13.77
CA GLY C 71 -28.31 7.53 -13.98
C GLY C 71 -29.33 8.31 -14.79
N PHE C 72 -30.48 7.72 -15.05
CA PHE C 72 -31.57 8.44 -15.72
C PHE C 72 -32.16 9.46 -14.76
N ASN C 73 -32.33 10.70 -15.25
CA ASN C 73 -32.93 11.77 -14.46
C ASN C 73 -34.45 11.60 -14.31
N GLU C 74 -35.00 12.19 -13.24
CA GLU C 74 -36.42 12.06 -12.88
C GLU C 74 -37.39 12.43 -14.01
N GLN C 75 -37.05 13.48 -14.76
CA GLN C 75 -37.85 13.90 -15.92
C GLN C 75 -38.01 12.76 -16.92
N ARG C 76 -36.96 11.98 -17.10
CA ARG C 76 -36.98 10.84 -18.01
C ARG C 76 -37.52 9.57 -17.37
N ILE C 77 -37.21 9.34 -16.09
CA ILE C 77 -37.70 8.15 -15.39
C ILE C 77 -39.22 8.07 -15.47
N ASN C 78 -39.88 9.21 -15.36
CA ASN C 78 -41.33 9.27 -15.44
C ASN C 78 -41.90 8.89 -16.81
N ARG C 79 -41.29 9.41 -17.88
CA ARG C 79 -41.70 9.08 -19.23
C ARG C 79 -41.73 7.57 -19.45
N ILE C 80 -40.61 6.91 -19.16
CA ILE C 80 -40.46 5.47 -19.32
C ILE C 80 -41.48 4.68 -18.49
N LEU C 81 -41.53 4.98 -17.19
CA LEU C 81 -42.38 4.24 -16.26
C LEU C 81 -43.86 4.36 -16.52
N ASP C 82 -44.26 5.48 -17.13
CA ASP C 82 -45.65 5.73 -17.47
C ASP C 82 -45.99 5.02 -18.77
N ALA C 83 -45.12 5.17 -19.76
CA ALA C 83 -45.22 4.38 -20.98
C ALA C 83 -45.10 2.88 -20.70
N ALA C 84 -44.66 2.52 -19.50
CA ALA C 84 -44.66 1.12 -19.06
C ALA C 84 -46.07 0.71 -18.68
N LYS C 85 -46.76 1.55 -17.89
CA LYS C 85 -48.15 1.28 -17.49
C LYS C 85 -49.11 1.33 -18.69
N LYS C 86 -49.13 2.46 -19.38
CA LYS C 86 -50.05 2.73 -20.49
C LYS C 86 -49.77 1.90 -21.76
N SER C 87 -48.83 0.95 -21.66
CA SER C 87 -48.18 0.34 -22.83
C SER C 87 -49.07 -0.39 -23.84
N ILE C 88 -48.88 0.01 -25.09
CA ILE C 88 -49.60 -0.51 -26.24
C ILE C 88 -49.16 -1.96 -26.57
N GLY C 89 -47.98 -2.34 -26.09
CA GLY C 89 -47.37 -3.63 -26.47
C GLY C 89 -48.00 -4.91 -25.98
N ALA C 90 -47.44 -6.03 -26.44
CA ALA C 90 -47.98 -7.36 -26.14
C ALA C 90 -47.41 -7.95 -24.84
N ASP C 91 -47.92 -9.13 -24.49
CA ASP C 91 -47.42 -9.86 -23.32
C ASP C 91 -46.48 -11.00 -23.72
N ILE C 92 -45.53 -11.30 -22.81
CA ILE C 92 -44.39 -12.15 -23.14
C ILE C 92 -44.06 -13.17 -22.04
N SER C 93 -43.76 -14.40 -22.45
CA SER C 93 -43.37 -15.45 -21.51
C SER C 93 -41.90 -15.25 -21.15
N GLU C 94 -41.47 -15.81 -20.01
CA GLU C 94 -40.08 -15.64 -19.57
C GLU C 94 -39.10 -16.31 -20.54
N ASP C 95 -39.61 -17.25 -21.34
CA ASP C 95 -38.85 -17.85 -22.41
C ASP C 95 -38.60 -16.85 -23.53
N ASP C 96 -39.59 -16.03 -23.82
CA ASP C 96 -39.46 -14.97 -24.83
C ASP C 96 -38.49 -13.88 -24.39
N LEU C 97 -38.61 -13.50 -23.12
CA LEU C 97 -37.67 -12.56 -22.49
C LEU C 97 -36.22 -13.03 -22.57
N SER C 98 -35.98 -14.25 -22.11
CA SER C 98 -34.61 -14.77 -22.02
C SER C 98 -34.02 -14.98 -23.41
N ALA C 99 -34.86 -15.24 -24.40
CA ALA C 99 -34.41 -15.34 -25.79
C ALA C 99 -34.01 -13.97 -26.38
N MET C 100 -34.81 -12.95 -26.09
CA MET C 100 -34.46 -11.58 -26.45
C MET C 100 -33.12 -11.21 -25.78
N ARG C 101 -33.00 -11.56 -24.49
CA ARG C 101 -31.84 -11.18 -23.67
C ARG C 101 -30.52 -11.75 -24.19
N MET C 102 -30.59 -12.89 -24.88
CA MET C 102 -29.41 -13.48 -25.48
C MET C 102 -28.77 -12.44 -26.38
N ILE C 103 -29.59 -11.79 -27.20
CA ILE C 103 -29.10 -10.74 -28.06
C ILE C 103 -28.73 -9.47 -27.27
N ALA C 104 -29.58 -9.10 -26.32
CA ALA C 104 -29.28 -7.96 -25.45
C ALA C 104 -27.89 -8.04 -24.78
N ASN C 105 -27.63 -9.17 -24.12
CA ASN C 105 -26.38 -9.37 -23.41
C ASN C 105 -25.17 -9.42 -24.33
N THR C 106 -25.38 -9.98 -25.52
CA THR C 106 -24.34 -9.98 -26.53
C THR C 106 -23.94 -8.53 -26.84
N ILE C 107 -24.94 -7.66 -27.03
CA ILE C 107 -24.67 -6.23 -27.24
C ILE C 107 -23.86 -5.64 -26.10
N LEU C 108 -24.23 -6.00 -24.86
CA LEU C 108 -23.50 -5.54 -23.68
C LEU C 108 -22.07 -6.06 -23.68
N ASP C 109 -21.93 -7.32 -24.07
CA ASP C 109 -20.62 -7.96 -24.16
C ASP C 109 -19.72 -7.25 -25.16
N LEU C 110 -20.29 -6.91 -26.33
CA LEU C 110 -19.55 -6.21 -27.37
C LEU C 110 -19.07 -4.83 -26.95
N TYR C 111 -19.83 -4.13 -26.11
CA TYR C 111 -19.42 -2.83 -25.61
C TYR C 111 -18.16 -2.92 -24.77
N ASN C 112 -18.07 -3.96 -23.95
CA ASN C 112 -16.88 -4.19 -23.14
C ASN C 112 -15.65 -4.52 -23.95
N ILE C 113 -15.84 -5.34 -24.98
CA ILE C 113 -14.77 -5.78 -25.87
C ILE C 113 -14.18 -4.59 -26.61
N ARG C 114 -15.05 -3.66 -26.99
CA ARG C 114 -14.60 -2.43 -27.63
C ARG C 114 -13.73 -1.61 -26.67
N ARG C 115 -14.17 -1.45 -25.44
CA ARG C 115 -13.39 -0.74 -24.44
C ARG C 115 -12.04 -1.43 -24.25
N ASN C 116 -12.07 -2.76 -24.14
CA ASN C 116 -10.87 -3.54 -23.92
C ASN C 116 -9.92 -3.48 -25.10
N LEU C 117 -10.45 -3.64 -26.30
CA LEU C 117 -9.63 -3.50 -27.49
C LEU C 117 -9.06 -2.10 -27.60
N ASN C 118 -9.82 -1.12 -27.14
CA ASN C 118 -9.33 0.27 -27.14
C ASN C 118 -8.12 0.45 -26.21
N ASN C 119 -8.14 -0.18 -25.05
CA ASN C 119 -6.98 -0.18 -24.15
C ASN C 119 -5.81 -0.93 -24.74
N TYR C 120 -6.08 -2.05 -25.39
CA TYR C 120 -5.04 -2.77 -26.13
C TYR C 120 -4.42 -1.88 -27.21
N LEU C 121 -5.27 -1.13 -27.91
CA LEU C 121 -4.86 -0.28 -29.02
C LEU C 121 -3.88 0.78 -28.57
N GLU C 122 -4.14 1.33 -27.39
CA GLU C 122 -3.35 2.43 -26.83
C GLU C 122 -1.98 1.96 -26.35
N GLY C 123 -1.95 0.87 -25.61
CA GLY C 123 -0.69 0.26 -25.21
C GLY C 123 0.23 0.02 -26.41
N VAL C 124 -0.31 -0.60 -27.44
CA VAL C 124 0.48 -0.93 -28.62
C VAL C 124 0.95 0.31 -29.37
N MET C 125 0.01 1.19 -29.72
CA MET C 125 0.33 2.37 -30.51
C MET C 125 1.37 3.22 -29.80
N LYS C 126 1.26 3.31 -28.47
CA LYS C 126 2.24 4.01 -27.62
C LYS C 126 3.65 3.41 -27.67
N GLU C 127 3.75 2.19 -28.18
CA GLU C 127 5.04 1.53 -28.35
C GLU C 127 5.54 1.51 -29.80
N VAL C 128 4.64 1.23 -30.73
CA VAL C 128 5.03 1.07 -32.14
C VAL C 128 5.05 2.39 -32.94
N ALA C 129 4.24 3.36 -32.54
CA ALA C 129 4.23 4.68 -33.17
C ALA C 129 3.87 5.78 -32.16
N PRO C 130 4.73 5.99 -31.14
CA PRO C 130 4.44 6.89 -30.01
C PRO C 130 4.27 8.34 -30.44
N ASN C 131 5.08 8.75 -31.41
CA ASN C 131 5.08 10.11 -31.93
C ASN C 131 3.82 10.44 -32.76
N VAL C 132 3.31 9.44 -33.48
CA VAL C 132 2.01 9.58 -34.15
C VAL C 132 0.88 9.66 -33.12
N THR C 133 0.97 8.85 -32.06
CA THR C 133 -0.05 8.82 -31.01
C THR C 133 -0.02 10.11 -30.23
N ALA C 134 1.18 10.63 -30.03
CA ALA C 134 1.33 11.90 -29.36
C ALA C 134 0.53 12.95 -30.10
N LEU C 135 0.47 12.84 -31.42
CA LEU C 135 -0.17 13.86 -32.26
C LEU C 135 -1.68 13.72 -32.29
N VAL C 136 -2.15 12.56 -32.75
CA VAL C 136 -3.54 12.41 -33.09
C VAL C 136 -4.29 11.50 -32.12
N GLY C 137 -3.54 10.72 -31.35
CA GLY C 137 -4.10 9.73 -30.42
C GLY C 137 -4.01 8.31 -30.94
N PRO C 138 -4.33 7.32 -30.09
CA PRO C 138 -4.15 5.92 -30.50
C PRO C 138 -5.04 5.55 -31.69
N ALA C 139 -6.35 5.80 -31.56
CA ALA C 139 -7.35 5.36 -32.54
C ALA C 139 -7.10 5.94 -33.94
N LEU C 140 -7.15 7.25 -34.05
CA LEU C 140 -6.83 7.96 -35.30
C LEU C 140 -5.52 7.47 -35.91
N GLY C 141 -4.53 7.25 -35.05
CA GLY C 141 -3.18 6.83 -35.45
C GLY C 141 -3.11 5.46 -36.10
N ALA C 142 -3.83 4.50 -35.51
CA ALA C 142 -3.95 3.16 -36.09
C ALA C 142 -4.76 3.23 -37.37
N ARG C 143 -5.71 4.16 -37.41
CA ARG C 143 -6.66 4.29 -38.52
C ARG C 143 -5.93 4.74 -39.81
N LEU C 144 -5.00 5.67 -39.63
CA LEU C 144 -4.09 6.10 -40.70
C LEU C 144 -3.25 4.93 -41.19
N LEU C 145 -2.65 4.22 -40.24
CA LEU C 145 -1.86 3.04 -40.54
C LEU C 145 -2.69 2.06 -41.31
N SER C 146 -3.91 1.82 -40.85
CA SER C 146 -4.82 0.90 -41.51
C SER C 146 -5.00 1.25 -42.99
N ILE C 147 -5.19 2.54 -43.28
CA ILE C 147 -5.35 2.99 -44.65
C ILE C 147 -4.01 2.94 -45.35
N ALA C 148 -2.95 3.31 -44.66
CA ALA C 148 -1.61 3.33 -45.23
C ALA C 148 -1.14 1.94 -45.64
N GLY C 149 -1.56 0.94 -44.87
CA GLY C 149 -1.14 -0.44 -45.07
C GLY C 149 -0.18 -0.93 -44.00
N SER C 150 0.81 -0.09 -43.68
CA SER C 150 1.84 -0.40 -42.67
C SER C 150 2.56 0.87 -42.25
N LEU C 151 3.27 0.81 -41.12
CA LEU C 151 4.02 1.98 -40.62
C LEU C 151 5.08 2.46 -41.63
N ASP C 152 5.79 1.52 -42.22
CA ASP C 152 6.78 1.82 -43.26
C ASP C 152 6.11 2.49 -44.48
N GLU C 153 4.93 2.04 -44.85
CA GLU C 153 4.22 2.64 -45.98
C GLU C 153 3.67 4.03 -45.67
N LEU C 154 3.32 4.27 -44.40
CA LEU C 154 2.88 5.58 -43.94
C LEU C 154 4.04 6.56 -43.94
N ALA C 155 5.18 6.13 -43.40
CA ALA C 155 6.40 6.95 -43.33
C ALA C 155 6.99 7.26 -44.71
N LYS C 156 6.48 6.60 -45.74
CA LYS C 156 6.87 6.86 -47.11
C LYS C 156 6.00 7.92 -47.77
N MET C 157 4.86 8.22 -47.17
CA MET C 157 3.93 9.21 -47.74
C MET C 157 4.41 10.65 -47.47
N PRO C 158 4.26 11.54 -48.47
CA PRO C 158 4.51 12.96 -48.20
C PRO C 158 3.33 13.54 -47.43
N ALA C 159 3.51 14.73 -46.85
CA ALA C 159 2.43 15.38 -46.12
C ALA C 159 1.15 15.46 -46.95
N SER C 160 1.30 15.87 -48.21
CA SER C 160 0.16 16.05 -49.12
C SER C 160 -0.68 14.78 -49.35
N THR C 161 -0.09 13.61 -49.11
CA THR C 161 -0.84 12.35 -49.22
C THR C 161 -1.51 11.97 -47.92
N ILE C 162 -0.84 12.19 -46.80
CA ILE C 162 -1.44 11.93 -45.49
C ILE C 162 -2.68 12.82 -45.29
N GLN C 163 -2.59 14.08 -45.71
CA GLN C 163 -3.68 15.04 -45.57
C GLN C 163 -4.99 14.58 -46.22
N VAL C 164 -4.93 13.65 -47.16
CA VAL C 164 -6.12 13.19 -47.87
C VAL C 164 -6.64 11.80 -47.48
N LEU C 165 -5.84 11.01 -46.77
CA LEU C 165 -6.24 9.65 -46.37
C LEU C 165 -7.59 9.60 -45.67
N GLY C 185 -10.59 14.46 -46.04
CA GLY C 185 -9.50 13.64 -45.46
C GLY C 185 -9.74 13.26 -44.01
N ILE C 186 -9.23 12.10 -43.60
CA ILE C 186 -9.51 11.54 -42.24
C ILE C 186 -8.87 12.28 -41.05
N ILE C 187 -7.73 12.92 -41.28
CA ILE C 187 -7.10 13.69 -40.22
C ILE C 187 -7.90 14.95 -39.91
N PHE C 188 -8.93 15.23 -40.71
CA PHE C 188 -9.80 16.39 -40.47
C PHE C 188 -10.67 16.20 -39.23
N GLN C 189 -10.55 15.03 -38.61
CA GLN C 189 -11.27 14.70 -37.38
C GLN C 189 -10.57 15.23 -36.12
N TYR C 190 -9.29 15.55 -36.26
CA TYR C 190 -8.48 16.08 -35.17
C TYR C 190 -9.15 17.32 -34.61
N PRO C 191 -9.30 17.39 -33.26
CA PRO C 191 -10.15 18.45 -32.69
C PRO C 191 -9.81 19.84 -33.23
N ALA C 192 -8.55 20.25 -33.12
CA ALA C 192 -8.12 21.57 -33.60
C ALA C 192 -8.66 21.87 -34.98
N ILE C 193 -8.85 20.84 -35.80
CA ILE C 193 -9.46 20.99 -37.12
C ILE C 193 -10.98 21.06 -37.04
N HIS C 194 -11.60 19.99 -36.53
CA HIS C 194 -13.06 19.84 -36.53
C HIS C 194 -13.79 20.96 -35.77
N THR C 195 -13.12 21.55 -34.78
CA THR C 195 -13.65 22.68 -34.03
C THR C 195 -13.65 23.97 -34.84
N SER C 196 -12.64 24.14 -35.69
CA SER C 196 -12.48 25.41 -36.41
C SER C 196 -13.50 25.64 -37.52
N PRO C 197 -13.87 26.93 -37.79
CA PRO C 197 -14.73 27.27 -38.94
C PRO C 197 -14.14 26.79 -40.26
N ARG C 198 -15.00 26.33 -41.17
CA ARG C 198 -14.57 25.61 -42.39
C ARG C 198 -13.36 26.24 -43.12
N TRP C 199 -13.29 27.57 -43.18
CA TRP C 199 -12.21 28.26 -43.90
C TRP C 199 -10.80 28.00 -43.37
N GLN C 200 -10.67 27.82 -42.07
CA GLN C 200 -9.36 27.63 -41.42
C GLN C 200 -8.78 26.22 -41.59
N ARG C 201 -9.66 25.25 -41.84
CA ARG C 201 -9.30 23.84 -41.78
C ARG C 201 -8.24 23.40 -42.80
N GLY C 202 -8.28 24.00 -44.00
CA GLY C 202 -7.26 23.77 -45.02
C GLY C 202 -5.89 23.90 -44.41
N LYS C 203 -5.57 25.11 -43.92
CA LYS C 203 -4.25 25.42 -43.37
C LYS C 203 -3.88 24.61 -42.13
N ILE C 204 -4.88 24.28 -41.30
CA ILE C 204 -4.63 23.49 -40.10
C ILE C 204 -4.29 22.04 -40.46
N ALA C 205 -5.11 21.43 -41.32
CA ALA C 205 -4.84 20.08 -41.85
C ALA C 205 -3.46 19.95 -42.46
N ARG C 206 -3.00 21.05 -43.07
CA ARG C 206 -1.69 21.14 -43.69
C ARG C 206 -0.58 21.04 -42.64
N ALA C 207 -0.76 21.73 -41.52
CA ALA C 207 0.22 21.72 -40.43
C ALA C 207 0.32 20.34 -39.77
N LEU C 208 -0.82 19.71 -39.52
CA LEU C 208 -0.84 18.41 -38.88
C LEU C 208 -0.15 17.42 -39.79
N ALA C 209 -0.55 17.41 -41.06
CA ALA C 209 0.02 16.50 -42.04
C ALA C 209 1.54 16.59 -42.00
N ALA C 210 2.06 17.82 -41.99
CA ALA C 210 3.50 18.06 -41.95
C ALA C 210 4.16 17.43 -40.73
N LYS C 211 3.53 17.55 -39.57
CA LYS C 211 4.09 17.00 -38.32
C LYS C 211 3.90 15.49 -38.28
N LEU C 212 2.83 15.01 -38.88
CA LEU C 212 2.58 13.59 -38.98
C LEU C 212 3.66 12.89 -39.84
N ALA C 213 4.03 13.54 -40.95
CA ALA C 213 5.05 13.02 -41.86
C ALA C 213 6.38 12.78 -41.15
N ILE C 214 6.80 13.75 -40.33
CA ILE C 214 8.00 13.63 -39.50
C ILE C 214 7.80 12.54 -38.43
N ALA C 215 6.66 12.61 -37.75
CA ALA C 215 6.30 11.70 -36.68
C ALA C 215 6.27 10.22 -37.10
N ALA C 216 5.73 9.94 -38.29
CA ALA C 216 5.71 8.57 -38.81
C ALA C 216 7.11 8.09 -39.14
N ARG C 217 7.99 9.04 -39.47
CA ARG C 217 9.38 8.76 -39.89
C ARG C 217 10.34 8.42 -38.73
N VAL C 218 10.32 9.25 -37.68
CA VAL C 218 11.09 8.96 -36.48
C VAL C 218 10.57 7.65 -35.82
N ASP C 219 9.27 7.40 -35.97
CA ASP C 219 8.65 6.15 -35.51
C ASP C 219 9.09 4.94 -36.34
N ALA C 220 9.02 5.08 -37.66
CA ALA C 220 9.46 4.01 -38.56
C ALA C 220 10.90 3.60 -38.31
N PHE C 221 11.81 4.57 -38.29
CA PHE C 221 13.22 4.26 -38.01
C PHE C 221 13.44 3.91 -36.55
N SER C 222 12.41 4.10 -35.72
CA SER C 222 12.46 3.79 -34.29
C SER C 222 13.49 4.69 -33.59
N GLY C 223 13.42 6.00 -33.86
CA GLY C 223 14.30 7.00 -33.26
C GLY C 223 13.82 7.49 -31.91
N ARG C 224 14.34 8.64 -31.46
CA ARG C 224 14.00 9.18 -30.14
C ARG C 224 12.65 9.93 -30.17
N PHE C 225 11.96 9.90 -29.03
CA PHE C 225 10.63 10.51 -28.88
C PHE C 225 10.68 12.04 -28.94
N ILE C 226 10.05 12.60 -29.98
CA ILE C 226 9.93 14.04 -30.15
C ILE C 226 8.46 14.49 -30.10
N GLY C 227 7.66 13.77 -29.32
CA GLY C 227 6.22 14.04 -29.22
C GLY C 227 5.88 15.38 -28.62
N ASP C 228 6.59 15.76 -27.55
CA ASP C 228 6.33 17.04 -26.90
C ASP C 228 6.60 18.23 -27.82
N GLN C 229 7.77 18.24 -28.46
CA GLN C 229 8.20 19.30 -29.36
C GLN C 229 7.32 19.39 -30.61
N LEU C 230 6.95 18.24 -31.16
CA LEU C 230 6.06 18.21 -32.33
C LEU C 230 4.67 18.80 -32.01
N ASN C 231 4.16 18.53 -30.81
CA ASN C 231 2.90 19.11 -30.33
C ASN C 231 2.99 20.62 -30.13
N GLU C 232 4.10 21.08 -29.56
CA GLU C 232 4.31 22.50 -29.32
C GLU C 232 4.40 23.28 -30.64
N GLN C 233 5.12 22.70 -31.60
CA GLN C 233 5.28 23.27 -32.94
C GLN C 233 3.94 23.38 -33.69
N LEU C 234 3.03 22.44 -33.42
CA LEU C 234 1.72 22.44 -34.05
C LEU C 234 0.83 23.52 -33.42
N LYS C 235 0.88 23.62 -32.10
CA LYS C 235 0.13 24.64 -31.36
C LYS C 235 0.56 26.06 -31.75
N LYS C 236 1.87 26.28 -31.89
CA LYS C 236 2.37 27.56 -32.38
C LYS C 236 1.79 27.91 -33.75
N ARG C 237 1.95 27.00 -34.71
CA ARG C 237 1.52 27.24 -36.10
C ARG C 237 0.00 27.44 -36.19
N ILE C 238 -0.75 26.65 -35.41
CA ILE C 238 -2.21 26.78 -35.36
C ILE C 238 -2.61 28.15 -34.81
N ASP C 239 -1.90 28.63 -33.78
CA ASP C 239 -2.15 29.95 -33.22
C ASP C 239 -1.95 31.04 -34.27
N GLU C 240 -0.81 30.98 -34.97
CA GLU C 240 -0.49 31.94 -36.03
C GLU C 240 -1.55 31.94 -37.14
N ILE C 241 -1.99 30.74 -37.51
CA ILE C 241 -3.07 30.57 -38.48
C ILE C 241 -4.31 31.29 -37.98
N LYS C 242 -4.64 31.06 -36.70
CA LYS C 242 -5.87 31.59 -36.10
C LYS C 242 -5.82 33.08 -35.83
N GLU C 243 -4.68 33.58 -35.35
CA GLU C 243 -4.50 35.03 -35.16
C GLU C 243 -4.29 35.76 -36.50
N LYS C 244 -4.64 35.07 -37.59
CA LYS C 244 -4.71 35.66 -38.92
C LYS C 244 -6.17 35.69 -39.40
N PHE C 245 -7.10 35.83 -38.45
CA PHE C 245 -8.56 35.90 -38.71
C PHE C 245 -9.09 34.72 -39.55
S SO4 D . 6.61 -14.19 -0.47
O1 SO4 D . 6.18 -13.43 -1.65
O2 SO4 D . 7.30 -15.42 -0.85
O3 SO4 D . 7.51 -13.40 0.36
O4 SO4 D . 5.40 -14.53 0.27
S SO4 E . 22.16 8.97 5.55
O1 SO4 E . 23.07 10.04 5.93
O2 SO4 E . 22.48 7.74 6.27
O3 SO4 E . 20.80 9.38 5.90
O4 SO4 E . 22.27 8.75 4.11
S SO4 F . -5.66 8.41 24.39
O1 SO4 F . -5.36 9.84 24.28
O2 SO4 F . -4.44 7.64 24.25
O3 SO4 F . -6.24 8.17 25.70
O4 SO4 F . -6.64 8.01 23.37
S SO4 G . -16.57 4.66 -22.23
O1 SO4 G . -15.11 4.83 -22.33
O2 SO4 G . -17.09 4.07 -23.46
O3 SO4 G . -16.82 3.78 -21.09
O4 SO4 G . -17.18 5.97 -22.02
S SO4 H . -4.62 -4.57 -46.11
O1 SO4 H . -3.32 -4.12 -45.63
O2 SO4 H . -4.47 -5.41 -47.30
O3 SO4 H . -5.30 -5.35 -45.07
O4 SO4 H . -5.44 -3.40 -46.45
#